data_1FE1
#
_entry.id   1FE1
#
_cell.length_a   130.010
_cell.length_b   226.720
_cell.length_c   308.290
_cell.angle_alpha   90.00
_cell.angle_beta   90.00
_cell.angle_gamma   90.00
#
_symmetry.space_group_name_H-M   'P 21 21 21'
#
loop_
_entity.id
_entity.type
_entity.pdbx_description
1 polymer 'PROTEIN (PHOTOSYSTEM II: SUBUNIT PSBA)'
2 polymer 'PROTEIN (PHOTOSYSTEM II: SUBUNIT PSBD)'
3 polymer 'PROTEIN (PHOTOSYSTEM II: SUBUNIT PSBC)'
4 polymer 'PROTEIN (PHOTOSYSTEM II: SUBUNIT PSBB)'
5 polymer 'PROTEIN (PHOTOSYSTEM II: SUBUNIT PSBE)'
6 polymer 'PROTEIN (PHOTOSYSTEM II: SUBUNIT PSBF)'
7 polymer 'PROTEIN (PHOTOSYSTEM II: SUBUNIT UNKNOWN)'
8 polymer 'PROTEIN (PHOTOSYSTEM II: SUBUNIT PSBO)'
9 polymer 'PROTEIN (PHOTOSYSTEM II: SUBUNIT PSBV)'
10 non-polymer 'MANGANESE (II) ION'
11 non-polymer TYROSINE
12 non-polymer 'CHLOROPHYLL A'
13 non-polymer 'PHEOPHYTIN A'
14 non-polymer 'FE (III) ION'
15 non-polymer '2-[(3-HYDROXY-2-METHYL-5-PHOSPHONOOXYMETHYL-PYRIDIN-4-YLMETHYL)-AMINO]-2-METHYL-SUCCINIC ACID'
16 non-polymer 'PROTOPORPHYRIN IX CONTAINING FE'
17 non-polymer 'CADMIUM ION'
#
loop_
_entity_poly.entity_id
_entity_poly.type
_entity_poly.pdbx_seq_one_letter_code
_entity_poly.pdbx_strand_id
1 'polypeptide(L)'
;(UNK)(UNK)(UNK)(UNK)(UNK)(UNK)(UNK)(UNK)(UNK)(UNK)(UNK)(UNK)(UNK)(UNK)(UNK)(UNK)
(UNK)(UNK)(UNK)(UNK)(UNK)(UNK)(UNK)(UNK)(UNK)(UNK)(UNK)(UNK)(UNK)(UNK)(UNK)(UNK)
(UNK)(UNK)(UNK)(UNK)(UNK)(UNK)(UNK)(UNK)(UNK)(UNK)(UNK)(UNK)(UNK)(UNK)(UNK)(UNK)
(UNK)(UNK)(UNK)(UNK)(UNK)(UNK)(UNK)(UNK)(UNK)(UNK)(UNK)(UNK)(UNK)(UNK)(UNK)(UNK)
(UNK)(UNK)(UNK)(UNK)(UNK)(UNK)(UNK)(UNK)(UNK)(UNK)(UNK)(UNK)(UNK)(UNK)(UNK)(UNK)
(UNK)(UNK)(UNK)(UNK)(UNK)(UNK)(UNK)(UNK)(UNK)(UNK)(UNK)(UNK)(UNK)(UNK)(UNK)(UNK)
(UNK)(UNK)(UNK)(UNK)(UNK)(UNK)(UNK)(UNK)(UNK)(UNK)(UNK)(UNK)(UNK)(UNK)(UNK)(UNK)
(UNK)(UNK)(UNK)(UNK)(UNK)(UNK)(UNK)(UNK)(UNK)(UNK)(UNK)(UNK)(UNK)(UNK)(UNK)(UNK)
(UNK)(UNK)(UNK)(UNK)(UNK)(UNK)(UNK)(UNK)(UNK)(UNK)(UNK)(UNK)(UNK)(UNK)(UNK)(UNK)
(UNK)(UNK)(UNK)(UNK)(UNK)(UNK)(UNK)(UNK)(UNK)(UNK)(UNK)(UNK)(UNK)(UNK)(UNK)(UNK)
(UNK)(UNK)(UNK)(UNK)(UNK)(UNK)(UNK)(UNK)(UNK)
;
A,J
2 'polypeptide(L)'
;(UNK)(UNK)(UNK)(UNK)(UNK)(UNK)(UNK)(UNK)(UNK)(UNK)(UNK)(UNK)(UNK)(UNK)(UNK)(UNK)
(UNK)(UNK)(UNK)(UNK)(UNK)(UNK)(UNK)(UNK)(UNK)(UNK)(UNK)(UNK)(UNK)(UNK)(UNK)(UNK)
(UNK)(UNK)(UNK)(UNK)(UNK)(UNK)(UNK)(UNK)(UNK)(UNK)(UNK)(UNK)(UNK)(UNK)(UNK)(UNK)
(UNK)(UNK)(UNK)(UNK)(UNK)(UNK)(UNK)(UNK)(UNK)(UNK)(UNK)(UNK)(UNK)(UNK)(UNK)(UNK)
(UNK)(UNK)(UNK)(UNK)(UNK)(UNK)(UNK)(UNK)(UNK)(UNK)(UNK)(UNK)(UNK)(UNK)(UNK)(UNK)
(UNK)(UNK)(UNK)(UNK)(UNK)(UNK)(UNK)(UNK)(UNK)(UNK)(UNK)(UNK)(UNK)(UNK)(UNK)(UNK)
(UNK)(UNK)(UNK)(UNK)(UNK)(UNK)(UNK)(UNK)(UNK)(UNK)(UNK)(UNK)(UNK)(UNK)(UNK)(UNK)
(UNK)(UNK)(UNK)(UNK)(UNK)(UNK)(UNK)(UNK)(UNK)(UNK)(UNK)(UNK)(UNK)(UNK)(UNK)(UNK)
(UNK)(UNK)(UNK)(UNK)(UNK)(UNK)(UNK)(UNK)(UNK)(UNK)(UNK)(UNK)(UNK)(UNK)(UNK)(UNK)
(UNK)(UNK)(UNK)(UNK)(UNK)(UNK)(UNK)(UNK)(UNK)(UNK)(UNK)(UNK)(UNK)(UNK)(UNK)(UNK)
(UNK)(UNK)(UNK)(UNK)(UNK)(UNK)(UNK)(UNK)(UNK)(UNK)(UNK)(UNK)(UNK)(UNK)
;
B,K
3 'polypeptide(L)'
;(UNK)(UNK)(UNK)(UNK)(UNK)(UNK)(UNK)(UNK)(UNK)(UNK)(UNK)(UNK)(UNK)(UNK)(UNK)(UNK)
(UNK)(UNK)(UNK)(UNK)(UNK)(UNK)(UNK)(UNK)(UNK)(UNK)(UNK)(UNK)(UNK)(UNK)(UNK)(UNK)
(UNK)(UNK)(UNK)(UNK)(UNK)(UNK)(UNK)(UNK)(UNK)(UNK)(UNK)(UNK)(UNK)(UNK)(UNK)(UNK)
(UNK)(UNK)(UNK)(UNK)(UNK)(UNK)(UNK)(UNK)(UNK)(UNK)(UNK)(UNK)(UNK)(UNK)(UNK)(UNK)
(UNK)(UNK)(UNK)(UNK)(UNK)(UNK)(UNK)(UNK)(UNK)(UNK)(UNK)(UNK)(UNK)(UNK)(UNK)(UNK)
(UNK)(UNK)(UNK)(UNK)(UNK)(UNK)(UNK)(UNK)(UNK)(UNK)(UNK)(UNK)(UNK)(UNK)(UNK)(UNK)
(UNK)(UNK)(UNK)(UNK)(UNK)(UNK)(UNK)(UNK)(UNK)(UNK)(UNK)(UNK)(UNK)(UNK)(UNK)(UNK)
(UNK)(UNK)(UNK)(UNK)(UNK)(UNK)(UNK)(UNK)(UNK)(UNK)(UNK)(UNK)(UNK)(UNK)(UNK)(UNK)
(UNK)(UNK)(UNK)(UNK)(UNK)(UNK)(UNK)(UNK)(UNK)(UNK)(UNK)(UNK)(UNK)(UNK)(UNK)(UNK)
(UNK)(UNK)(UNK)(UNK)(UNK)(UNK)(UNK)(UNK)(UNK)(UNK)(UNK)(UNK)
;
C,L
4 'polypeptide(L)'
;(UNK)(UNK)(UNK)(UNK)(UNK)(UNK)(UNK)(UNK)(UNK)(UNK)(UNK)(UNK)(UNK)(UNK)(UNK)(UNK)
(UNK)(UNK)(UNK)(UNK)(UNK)(UNK)(UNK)(UNK)(UNK)(UNK)(UNK)(UNK)(UNK)(UNK)(UNK)(UNK)
(UNK)(UNK)(UNK)(UNK)(UNK)(UNK)(UNK)(UNK)(UNK)(UNK)(UNK)(UNK)(UNK)(UNK)(UNK)(UNK)
(UNK)(UNK)(UNK)(UNK)(UNK)(UNK)(UNK)(UNK)(UNK)(UNK)(UNK)(UNK)(UNK)(UNK)(UNK)(UNK)
(UNK)(UNK)(UNK)(UNK)(UNK)(UNK)(UNK)(UNK)(UNK)(UNK)(UNK)(UNK)(UNK)(UNK)(UNK)(UNK)
(UNK)(UNK)(UNK)(UNK)(UNK)(UNK)(UNK)(UNK)(UNK)(UNK)(UNK)(UNK)(UNK)(UNK)(UNK)(UNK)
(UNK)(UNK)(UNK)(UNK)(UNK)(UNK)(UNK)(UNK)(UNK)(UNK)(UNK)(UNK)(UNK)(UNK)(UNK)(UNK)
(UNK)(UNK)(UNK)(UNK)(UNK)(UNK)(UNK)(UNK)(UNK)(UNK)(UNK)(UNK)(UNK)(UNK)(UNK)(UNK)
(UNK)(UNK)(UNK)(UNK)(UNK)(UNK)(UNK)(UNK)(UNK)(UNK)(UNK)(UNK)(UNK)(UNK)(UNK)(UNK)
(UNK)(UNK)(UNK)(UNK)(UNK)(UNK)(UNK)(UNK)(UNK)(UNK)(UNK)
;
D,M
5 'polypeptide(L)'
;(UNK)(UNK)(UNK)(UNK)(UNK)(UNK)(UNK)(UNK)(UNK)(UNK)(UNK)(UNK)(UNK)(UNK)(UNK)(UNK)
(UNK)(UNK)(UNK)(UNK)(UNK)(UNK)(UNK)(UNK)(UNK)(UNK)(UNK)(UNK)(UNK)(UNK)(UNK)(UNK)
(UNK)(UNK)(UNK)(UNK)(UNK)(UNK)(UNK)(UNK)
;
E,N
6 'polypeptide(L)'
;(UNK)(UNK)(UNK)(UNK)(UNK)(UNK)(UNK)(UNK)(UNK)(UNK)(UNK)(UNK)(UNK)(UNK)(UNK)(UNK)
(UNK)(UNK)(UNK)(UNK)(UNK)(UNK)(UNK)(UNK)(UNK)(UNK)(UNK)(UNK)(UNK)(UNK)
;
F,O
7 'polypeptide(L)'
;(UNK)(UNK)(UNK)(UNK)(UNK)(UNK)(UNK)(UNK)(UNK)(UNK)(UNK)(UNK)(UNK)(UNK)(UNK)(UNK)
(UNK)(UNK)(UNK)(UNK)(UNK)(UNK)(UNK)(UNK)(UNK)(UNK)(UNK)(UNK)(UNK)(UNK)(UNK)(UNK)
(UNK)(UNK)(UNK)(UNK)(UNK)(UNK)(UNK)(UNK)(UNK)(UNK)(UNK)(UNK)(UNK)(UNK)(UNK)(UNK)
(UNK)(UNK)(UNK)(UNK)(UNK)(UNK)(UNK)(UNK)(UNK)(UNK)(UNK)(UNK)(UNK)(UNK)(UNK)(UNK)
(UNK)(UNK)(UNK)(UNK)(UNK)(UNK)(UNK)(UNK)(UNK)(UNK)(UNK)(UNK)(UNK)(UNK)(UNK)(UNK)
(UNK)(UNK)(UNK)(UNK)(UNK)(UNK)(UNK)(UNK)(UNK)(UNK)(UNK)(UNK)(UNK)(UNK)(UNK)(UNK)
(UNK)(UNK)(UNK)(UNK)(UNK)(UNK)(UNK)(UNK)(UNK)(UNK)(UNK)(UNK)(UNK)(UNK)(UNK)(UNK)
(UNK)(UNK)(UNK)(UNK)(UNK)(UNK)(UNK)(UNK)(UNK)(UNK)(UNK)(UNK)(UNK)(UNK)(UNK)(UNK)
(UNK)(UNK)(UNK)(UNK)(UNK)(UNK)(UNK)(UNK)(UNK)(UNK)(UNK)(UNK)(UNK)(UNK)(UNK)(UNK)
(UNK)(UNK)(UNK)(UNK)(UNK)(UNK)(UNK)(UNK)(UNK)(UNK)(UNK)(UNK)(UNK)(UNK)(UNK)(UNK)
(UNK)(UNK)(UNK)(UNK)(UNK)(UNK)(UNK)(UNK)(UNK)(UNK)(UNK)(UNK)(UNK)(UNK)(UNK)(UNK)
(UNK)(UNK)(UNK)(UNK)(UNK)(UNK)(UNK)(UNK)(UNK)(UNK)(UNK)(UNK)(UNK)(UNK)(UNK)(UNK)
(UNK)(UNK)(UNK)(UNK)(UNK)(UNK)(UNK)(UNK)(UNK)(UNK)(UNK)(UNK)(UNK)(UNK)(UNK)(UNK)
(UNK)(UNK)(UNK)(UNK)(UNK)(UNK)(UNK)(UNK)(UNK)(UNK)(UNK)(UNK)(UNK)(UNK)(UNK)(UNK)
(UNK)(UNK)(UNK)(UNK)(UNK)(UNK)(UNK)(UNK)(UNK)(UNK)(UNK)(UNK)(UNK)(UNK)(UNK)(UNK)
(UNK)(UNK)(UNK)(UNK)(UNK)(UNK)(UNK)(UNK)(UNK)(UNK)(UNK)(UNK)(UNK)(UNK)(UNK)(UNK)
(UNK)(UNK)(UNK)(UNK)(UNK)(UNK)(UNK)(UNK)(UNK)(UNK)(UNK)(UNK)(UNK)(UNK)(UNK)(UNK)
(UNK)(UNK)(UNK)(UNK)(UNK)(UNK)(UNK)(UNK)(UNK)(UNK)(UNK)(UNK)(UNK)(UNK)(UNK)(UNK)
(UNK)(UNK)(UNK)(UNK)(UNK)(UNK)(UNK)(UNK)(UNK)(UNK)(UNK)(UNK)(UNK)(UNK)(UNK)(UNK)
(UNK)(UNK)(UNK)(UNK)(UNK)(UNK)(UNK)(UNK)
;
G,P
8 'polypeptide(L)'
;(UNK)(UNK)(UNK)(UNK)(UNK)(UNK)(UNK)(UNK)(UNK)(UNK)(UNK)(UNK)(UNK)(UNK)(UNK)(UNK)
(UNK)(UNK)(UNK)(UNK)(UNK)(UNK)(UNK)(UNK)(UNK)(UNK)(UNK)(UNK)(UNK)(UNK)(UNK)(UNK)
(UNK)(UNK)(UNK)(UNK)(UNK)(UNK)(UNK)(UNK)(UNK)(UNK)(UNK)(UNK)(UNK)(UNK)(UNK)(UNK)
(UNK)(UNK)(UNK)(UNK)(UNK)(UNK)(UNK)(UNK)(UNK)(UNK)(UNK)(UNK)(UNK)(UNK)(UNK)(UNK)
(UNK)(UNK)(UNK)(UNK)(UNK)(UNK)(UNK)(UNK)(UNK)(UNK)(UNK)(UNK)(UNK)(UNK)(UNK)(UNK)
(UNK)(UNK)(UNK)(UNK)(UNK)(UNK)(UNK)(UNK)(UNK)(UNK)(UNK)(UNK)(UNK)(UNK)(UNK)(UNK)
(UNK)(UNK)(UNK)(UNK)(UNK)(UNK)(UNK)(UNK)(UNK)(UNK)(UNK)(UNK)(UNK)(UNK)(UNK)(UNK)
(UNK)(UNK)(UNK)
;
H,Q
9 'polypeptide(L)'
;(UNK)(UNK)(UNK)(UNK)(UNK)(UNK)(UNK)(UNK)(UNK)(UNK)(UNK)(UNK)(UNK)(UNK)(UNK)(UNK)
(UNK)(UNK)(UNK)(UNK)(UNK)(UNK)(UNK)(UNK)(UNK)(UNK)(UNK)(UNK)(UNK)(UNK)(UNK)(UNK)
(UNK)(UNK)(UNK)(UNK)(UNK)(UNK)(UNK)(UNK)(UNK)(UNK)(UNK)(UNK)(UNK)(UNK)(UNK)(UNK)
(UNK)(UNK)(UNK)(UNK)(UNK)(UNK)(UNK)(UNK)(UNK)(UNK)(UNK)(UNK)(UNK)(UNK)(UNK)(UNK)
(UNK)(UNK)(UNK)(UNK)(UNK)(UNK)(UNK)(UNK)(UNK)(UNK)(UNK)(UNK)(UNK)(UNK)(UNK)(UNK)
(UNK)(UNK)(UNK)(UNK)(UNK)(UNK)(UNK)
;
I,R
#
# COMPACT_ATOMS: atom_id res chain seq x y z
CA UNK A 1 -17.61 -33.56 6.95
CA UNK A 2 -18.79 -33.50 3.29
CA UNK A 3 -22.24 -35.10 2.77
CA UNK A 4 -25.88 -36.26 3.19
CA UNK A 5 -29.60 -36.47 3.49
CA UNK A 6 -30.06 -32.78 2.66
CA UNK A 7 -30.01 -32.51 -1.13
CA UNK A 8 -32.49 -29.43 -0.73
CA UNK A 9 -30.71 -28.56 2.56
CA UNK A 10 -27.52 -28.15 0.51
CA UNK A 11 -29.40 -25.97 -2.00
CA UNK A 12 -31.11 -23.84 0.67
CA UNK A 13 -27.64 -23.30 2.21
CA UNK A 14 -26.39 -22.16 -1.21
CA UNK A 15 -29.29 -19.87 -1.99
CA UNK A 16 -29.27 -17.95 1.29
CA UNK A 17 -25.57 -17.45 1.18
CA UNK A 18 -26.29 -14.92 -1.54
CA UNK A 19 -29.23 -13.13 0.06
CA UNK A 20 -26.76 -11.16 2.15
CA UNK A 21 -23.63 -11.59 0.03
CA UNK A 22 -25.43 -9.90 -2.83
CA UNK A 23 -27.54 -7.39 -0.94
CA UNK A 24 -24.53 -5.98 0.86
CA UNK A 25 -23.48 -4.45 -2.44
CA UNK A 26 -26.87 -2.76 -2.79
CA UNK A 27 -26.79 -1.46 0.82
CA UNK A 28 -23.11 -0.38 0.62
CA UNK A 29 -23.65 1.58 -2.55
CA UNK A 30 -26.56 3.64 -1.20
CA UNK A 31 -24.91 6.83 -0.01
CA UNK A 32 -36.21 -8.92 -0.16
CA UNK A 33 -35.96 -9.56 3.60
CA UNK A 34 -38.24 -12.63 3.61
CA UNK A 35 -35.84 -14.25 1.14
CA UNK A 36 -32.93 -13.46 3.46
CA UNK A 37 -35.02 -14.73 6.35
CA UNK A 38 -36.03 -17.97 4.66
CA UNK A 39 -32.46 -18.61 3.76
CA UNK A 40 -31.56 -18.13 7.46
CA UNK A 41 -34.36 -20.32 8.75
CA UNK A 42 -33.55 -23.15 6.19
CA UNK A 43 -29.88 -22.80 7.09
CA UNK A 44 -30.83 -24.49 10.37
CA UNK A 45 -32.64 -26.91 8.23
CA UNK A 46 -29.17 -27.93 7.08
CA UNK A 47 -27.30 -26.81 10.19
CA UNK A 48 -29.52 -28.79 12.50
CA UNK A 49 -29.91 -31.76 10.13
CA UNK A 50 -26.17 -32.30 9.68
CA UNK A 51 -26.14 -33.45 13.27
CA UNK A 52 -28.85 -36.05 12.65
CA UNK A 53 -27.01 -37.19 9.52
CA UNK A 54 -23.48 -37.32 11.06
CA UNK A 55 -24.77 -39.30 14.01
CA UNK A 56 -26.39 -42.07 11.99
CA UNK A 57 -23.39 -44.51 11.93
CA UNK A 58 -21.78 -43.23 15.14
CA UNK A 59 -22.68 -41.85 18.55
CA UNK A 60 -22.20 -38.41 20.06
CA UNK A 61 -24.78 -37.53 17.59
CA UNK A 62 -27.47 -36.08 19.80
CA UNK A 63 -24.94 -33.98 21.49
CA UNK A 64 -24.17 -32.52 18.08
CA UNK A 65 -27.90 -32.47 17.35
CA UNK A 66 -28.27 -31.07 20.84
CA UNK A 67 -25.68 -28.46 19.87
CA UNK A 68 -27.66 -27.49 16.77
CA UNK A 69 -29.37 -27.66 20.21
CA UNK A 70 -29.77 -25.09 21.12
CA UNK A 71 -27.44 -23.14 18.84
CA UNK A 72 -30.33 -22.86 16.58
CA UNK A 73 -32.95 -21.51 19.11
CA UNK A 74 -31.50 -18.16 18.75
CA UNK A 75 -31.10 -18.03 15.11
CA UNK A 76 -34.62 -19.37 15.57
CA UNK A 77 -35.53 -16.91 18.33
CA UNK A 78 -35.82 -14.22 15.79
CA UNK A 79 -38.74 -16.24 14.46
CA UNK A 80 -40.39 -16.20 17.87
CA UNK A 81 -39.80 -12.47 18.39
CA UNK A 82 -40.82 -11.55 14.84
CA UNK A 83 -44.09 -13.51 15.01
CA UNK A 84 -45.15 -11.69 18.18
CA UNK A 85 -47.39 -8.90 16.97
CA UNK A 86 -21.79 -2.87 9.32
CA UNK A 87 -25.12 -4.59 9.90
CA UNK A 88 -24.26 -6.75 12.86
CA UNK A 89 -23.72 -3.70 15.08
CA UNK A 90 -27.24 -2.60 14.17
CA UNK A 91 -28.56 -6.00 15.33
CA UNK A 92 -26.72 -5.35 18.58
CA UNK A 93 -28.33 -1.92 18.93
CA UNK A 94 -31.75 -3.38 18.28
CA UNK A 95 -31.28 -6.39 20.57
CA UNK A 96 -29.71 -4.33 23.35
CA UNK A 97 -32.48 -1.76 23.15
CA UNK A 98 -35.38 -4.19 23.20
CA UNK A 99 -33.86 -6.01 26.15
CA UNK A 100 -35.44 -2.98 27.89
CA UNK A 101 -34.12 -4.87 30.90
CA UNK A 102 -34.50 -13.13 34.83
CA UNK A 103 -33.53 -16.13 32.67
CA UNK A 104 -31.33 -14.16 30.25
CA UNK A 105 -29.24 -13.09 33.25
CA UNK A 106 -28.89 -16.78 34.33
CA UNK A 107 -28.19 -17.61 30.68
CA UNK A 108 -25.51 -14.95 30.19
CA UNK A 109 -23.95 -16.05 33.51
CA UNK A 110 -23.88 -19.70 32.17
CA UNK A 111 -22.14 -18.27 29.11
CA UNK A 112 -20.08 -16.79 31.54
CA UNK A 113 -19.55 -20.46 32.38
CA UNK A 114 -18.38 -20.99 28.83
CA UNK A 115 -15.98 -18.41 29.87
CA UNK A 116 -15.07 -20.77 32.92
CA UNK A 117 -14.69 -23.98 31.36
CA UNK A 118 -12.53 -23.16 28.20
CA UNK A 119 -9.92 -21.03 29.97
CA UNK A 120 -10.01 -24.25 31.99
CA UNK A 121 -9.64 -26.49 29.00
CA UNK A 122 -6.65 -24.37 27.93
CA UNK A 123 -5.33 -24.12 31.49
CA UNK A 124 -5.91 -27.86 32.21
CA UNK A 125 -4.24 -28.76 28.93
CA UNK A 126 -1.02 -26.85 29.56
CA UNK A 127 1.04 -29.61 31.17
CA UNK A 128 -2.71 -33.26 36.68
CA UNK A 129 -6.22 -33.65 38.05
CA UNK A 130 -4.72 -34.28 41.47
CA UNK A 131 -2.85 -30.98 41.18
CA UNK A 132 -5.90 -29.14 39.80
CA UNK A 133 -8.01 -30.45 42.71
CA UNK A 134 -5.65 -29.31 45.46
CA UNK A 135 -4.86 -26.09 43.66
CA UNK A 136 -8.59 -25.41 43.34
CA UNK A 137 -9.14 -26.20 47.02
CA UNK A 138 -12.17 -28.69 46.23
CA UNK A 139 -12.65 -31.85 44.15
CA UNK A 140 -12.83 -32.57 40.41
CA UNK A 141 -13.65 -35.89 38.32
CA UNK A 142 -12.04 -37.58 35.35
CA UNK A 143 -14.07 -37.92 32.18
CA UNK A 144 -16.15 -35.23 32.88
CA UNK A 145 -15.30 -32.52 30.36
CA UNK A 146 -18.29 -33.25 28.12
CA UNK A 147 -20.57 -33.28 31.12
CA UNK A 148 -19.33 -29.78 31.96
CA UNK A 149 -19.71 -28.70 28.33
CA UNK A 150 -23.18 -30.04 27.91
CA UNK A 151 -24.14 -28.25 31.12
CA UNK A 152 -22.85 -25.00 29.61
CA UNK A 153 -23.67 -25.18 25.86
CA UNK A 154 -26.99 -26.28 27.32
CA UNK A 155 -27.05 -23.59 30.02
CA UNK A 156 -27.95 -21.20 27.15
CA UNK A 157 -30.33 -23.59 25.41
CA UNK A 158 -32.90 -22.09 27.78
CA UNK A 159 -31.44 -18.94 29.08
CA UNK A 160 -31.07 -17.77 25.49
CA UNK A 161 -34.49 -19.05 24.45
CA UNK A 162 -35.16 -16.34 26.50
CA UNK A 163 -35.49 -13.56 23.85
CA UNK A 164 -38.20 -15.51 22.10
CA UNK A 165 -39.98 -16.38 25.29
CA UNK A 166 -39.72 -12.95 26.78
CA UNK A 167 -41.14 -11.15 23.76
CA UNK A 168 -44.18 -13.42 23.72
CA UNK A 169 -46.79 -11.34 25.50
CA UNK B 1 8.60 -17.68 50.07
CA UNK B 2 4.86 -19.78 50.79
CA UNK B 3 1.93 -19.21 48.39
CA UNK B 4 -0.13 -21.55 50.59
CA UNK B 5 -0.97 -17.87 50.25
CA UNK B 6 -0.75 -15.64 53.26
CA UNK B 7 -2.79 -13.71 50.67
CA UNK B 8 -5.10 -16.27 49.31
CA UNK B 9 -6.74 -16.69 52.70
CA UNK B 10 -6.88 -13.03 53.52
CA UNK B 11 -8.54 -11.99 50.27
CA UNK B 12 -11.16 -14.74 50.34
CA UNK B 13 -12.59 -12.73 53.20
CA UNK B 14 -12.56 -9.19 51.72
CA UNK B 15 -15.36 -10.25 49.41
CA UNK B 16 -17.20 -12.73 51.65
CA UNK B 17 -17.47 -10.53 54.68
CA UNK B 18 -18.20 -7.36 52.60
CA UNK B 19 -21.06 -9.17 50.89
CA UNK B 20 -22.87 -9.09 54.21
CA UNK B 21 -22.50 -5.34 54.58
CA UNK B 22 -23.58 -4.63 51.02
CA UNK B 23 -26.62 -7.04 51.17
CA UNK B 24 -27.74 -5.46 54.43
CA UNK B 25 -27.78 -1.89 53.17
CA UNK B 26 -31.39 -1.66 52.01
CA UNK B 27 -14.35 3.55 50.38
CA UNK B 28 -13.94 2.14 46.85
CA UNK B 29 -10.14 1.79 47.01
CA UNK B 30 -10.62 -0.47 50.03
CA UNK B 31 -13.10 -2.59 48.05
CA UNK B 32 -10.68 -2.52 45.15
CA UNK B 33 -7.66 -3.54 47.18
CA UNK B 34 -9.59 -6.35 48.68
CA UNK B 35 -10.46 -7.51 45.13
CA UNK B 36 -6.93 -7.17 43.81
CA UNK B 37 -5.29 -9.13 46.61
CA UNK B 38 -7.80 -11.99 46.54
CA UNK B 39 -6.11 -12.82 43.25
CA UNK B 40 -2.42 -12.60 44.23
CA UNK B 41 -2.86 -15.77 46.23
CA UNK B 42 -5.49 -17.57 44.11
CA UNK B 43 -3.76 -17.20 40.80
CA UNK B 44 -0.26 -17.83 42.30
CA UNK B 45 -1.52 -21.08 43.80
CA UNK B 46 -1.80 -22.41 40.28
CA UNK B 47 1.81 -21.61 39.45
CA UNK B 48 3.16 -23.05 42.68
CA UNK B 49 1.12 -25.96 42.78
CA UNK B 50 3.27 -27.79 40.30
CA UNK B 51 5.00 -27.49 36.94
CA UNK B 52 2.52 -28.93 35.00
CA UNK B 53 2.28 -28.20 31.28
CA UNK B 54 -1.48 -27.83 31.99
CA UNK B 55 -1.40 -25.85 35.25
CA UNK B 56 1.45 -23.65 34.11
CA UNK B 57 -0.54 -22.73 30.96
CA UNK B 58 -3.57 -22.18 33.09
CA UNK B 59 -1.74 -19.99 35.64
CA UNK B 60 -0.38 -17.92 32.77
CA UNK B 61 -3.93 -17.51 31.45
CA UNK B 62 -5.58 -16.89 34.81
CA UNK B 63 -3.50 -13.69 35.24
CA UNK B 64 -4.17 -12.40 31.80
CA UNK B 65 -7.88 -12.57 32.48
CA UNK B 66 -7.93 -11.91 36.24
CA UNK B 67 -5.69 -9.01 36.21
CA UNK B 68 -6.74 -7.70 32.81
CA UNK B 69 -10.38 -7.41 33.86
CA UNK B 70 -9.37 -6.23 37.50
CA UNK B 71 -7.20 -3.43 36.23
CA UNK B 72 -10.28 -2.05 34.70
CA UNK B 73 -11.64 -1.35 38.08
CA UNK B 74 -8.40 0.49 38.73
CA UNK B 75 -7.64 1.86 35.25
CA UNK B 76 -11.13 3.05 34.50
CA UNK B 77 -11.00 5.09 37.76
CA UNK B 78 -10.01 8.65 37.22
CA UNK B 79 -11.03 10.69 40.35
CA UNK B 80 -13.05 7.60 41.15
CA UNK B 81 -16.63 6.44 41.77
CA UNK B 82 -18.34 4.89 44.84
CA UNK B 83 -20.61 2.02 45.77
CA UNK B 84 -21.37 -1.35 47.35
CA UNK B 85 -24.57 -2.84 45.92
CA UNK B 86 -27.72 -4.89 45.83
CA UNK B 87 -29.44 -7.09 43.28
CA UNK B 88 -26.01 -7.62 41.50
CA UNK B 89 -27.93 -6.36 38.53
CA UNK B 90 -27.58 -2.53 39.04
CA UNK B 91 -23.77 -2.92 38.43
CA UNK B 92 -24.85 -4.55 35.08
CA UNK B 93 -27.11 -1.52 34.39
CA UNK B 94 -24.06 0.63 34.91
CA UNK B 95 -22.03 -1.46 32.51
CA UNK B 96 -24.74 -1.27 29.89
CA UNK B 97 -25.39 2.44 30.36
CA UNK B 98 -21.69 3.30 30.45
CA UNK B 99 -20.92 1.27 27.33
CA UNK B 100 -23.76 2.52 25.42
CA UNK B 101 -22.79 5.97 26.69
CA UNK B 102 -19.02 5.91 26.17
CA UNK B 103 -19.53 4.40 23.02
CA UNK B 104 -19.57 0.62 23.01
CA UNK B 105 -20.74 -2.01 20.47
CA UNK B 106 -18.66 -0.50 17.66
CA UNK B 107 -15.27 -2.14 17.81
CA UNK B 108 -13.05 -4.14 20.12
CA UNK B 109 -15.45 -6.89 19.27
CA UNK B 110 -12.55 -9.39 19.24
CA UNK B 111 -13.06 -9.75 22.99
CA UNK B 112 -16.91 -9.42 23.07
CA UNK B 113 -16.46 -12.29 20.65
CA UNK B 114 -13.60 -13.88 22.58
CA UNK B 115 -16.15 -15.02 25.23
CA UNK B 116 -18.85 -15.80 22.67
CA UNK B 117 -16.24 -18.20 21.29
CA UNK B 118 -16.82 -19.36 24.86
CA UNK B 119 -19.47 -21.51 23.18
CA UNK B 120 -16.66 -22.70 20.88
CA UNK B 121 -14.86 -23.46 23.98
CA UNK B 122 -16.81 -26.42 25.40
CA UNK B 123 -19.08 -26.73 22.49
CA UNK B 124 -16.88 -28.42 19.98
CA UNK B 125 -15.04 -30.69 22.47
CA UNK B 126 -18.27 -31.54 24.33
CA UNK B 127 -18.70 -33.65 21.15
CA UNK B 128 -16.55 -36.42 22.69
CA UNK B 129 -19.03 -37.19 25.49
CA UNK B 130 -19.99 -40.32 24.25
CA UNK B 131 -20.44 -38.70 20.85
CA UNK B 132 -17.04 -40.26 20.20
CA UNK B 133 -15.15 -40.62 23.21
CA UNK B 134 -11.40 -41.15 22.18
CA UNK B 135 -12.36 -40.33 18.60
CA UNK B 136 -9.94 -39.16 16.03
CA UNK B 137 -11.85 -41.17 13.43
CA UNK B 138 -15.07 -39.39 14.36
CA UNK B 139 -13.33 -36.00 14.46
CA UNK B 140 -11.83 -36.62 11.01
CA UNK B 141 -15.10 -37.52 9.32
CA UNK B 142 -17.04 -34.73 11.01
CA UNK B 143 -14.70 -32.12 9.48
CA UNK B 144 -13.67 -29.40 9.40
CA UNK B 145 -11.42 -30.91 12.13
CA UNK B 146 -7.91 -29.77 13.04
CA UNK B 147 -4.25 -30.53 13.70
CA UNK B 148 -4.55 -32.30 17.05
CA UNK B 149 -5.57 -31.37 20.61
CA UNK B 150 -5.42 -27.65 19.96
CA UNK B 151 -8.39 -27.28 22.31
CA UNK B 152 -5.81 -26.38 24.94
CA UNK B 153 -4.16 -24.01 22.47
CA UNK B 154 -7.53 -22.60 21.50
CA UNK B 155 -8.76 -22.17 25.10
CA UNK B 156 -5.46 -20.30 25.79
CA UNK B 157 -6.18 -18.10 22.72
CA UNK B 158 -9.84 -17.48 23.68
CA UNK B 159 -9.00 -16.51 27.27
CA UNK B 160 -5.90 -14.66 26.21
CA UNK B 161 -7.52 -13.36 23.02
CA UNK B 162 -10.56 -11.76 24.65
CA UNK B 163 -8.81 -9.92 27.49
CA UNK B 164 -6.27 -8.57 24.88
CA UNK B 165 -9.10 -7.56 22.59
CA UNK B 166 -11.22 -6.06 25.41
CA UNK B 167 -8.52 -5.28 27.99
CA UNK B 168 -6.86 -2.82 25.61
CA UNK B 169 -10.27 -1.57 24.51
CA UNK B 170 -11.61 -1.41 28.06
CA UNK B 171 -8.57 0.49 29.35
CA UNK B 172 -8.59 3.00 26.60
CA UNK B 173 -12.20 4.08 27.17
CA UNK B 174 -11.90 7.11 29.39
CA UNK C 1 -52.67 -54.21 12.09
CA UNK C 2 -56.48 -54.07 11.65
CA UNK C 3 -57.18 -52.40 15.02
CA UNK C 4 -54.93 -49.54 13.91
CA UNK C 5 -56.90 -49.31 10.62
CA UNK C 6 -60.08 -49.54 12.72
CA UNK C 7 -59.10 -46.83 15.18
CA UNK C 8 -58.07 -44.67 12.25
CA UNK C 9 -61.52 -45.13 11.02
CA UNK C 10 -63.39 -44.46 14.16
CA UNK C 11 -61.55 -41.12 14.64
CA UNK C 12 -63.49 -39.90 11.67
CA UNK C 13 -66.30 -39.19 14.25
CA UNK C 14 -64.36 -36.28 16.22
CA UNK C 15 -62.31 -34.06 13.85
CA UNK C 16 -65.37 -33.63 11.50
CA UNK C 17 -67.11 -32.43 14.63
CA UNK C 18 -64.58 -29.77 15.43
CA UNK C 19 -64.94 -28.07 12.05
CA UNK C 20 -68.54 -27.23 12.82
CA UNK C 21 -67.55 -25.48 16.04
CA UNK C 22 -64.78 -23.66 14.18
CA UNK C 23 -66.88 -22.58 11.15
CA UNK C 24 -69.58 -21.36 13.51
CA UNK C 25 -67.36 -19.11 15.58
CA UNK C 26 -67.80 -15.85 13.67
CA UNK C 27 -76.30 -26.26 26.99
CA UNK C 28 -76.63 -29.16 24.51
CA UNK C 29 -73.83 -28.00 22.19
CA UNK C 30 -71.47 -28.17 25.18
CA UNK C 31 -72.64 -31.73 25.89
CA UNK C 32 -72.29 -32.48 22.21
CA UNK C 33 -68.80 -31.04 21.88
CA UNK C 34 -67.87 -33.01 24.88
CA UNK C 35 -69.05 -36.16 23.23
CA UNK C 36 -67.68 -35.41 19.82
CA UNK C 37 -64.28 -35.55 20.97
CA UNK C 38 -65.06 -38.27 23.59
CA UNK C 39 -64.58 -40.83 20.82
CA UNK C 40 -61.38 -39.58 19.20
CA UNK C 41 -59.51 -40.77 22.26
CA UNK C 42 -61.62 -43.80 23.24
CA UNK C 43 -61.72 -45.42 19.86
CA UNK C 44 -58.04 -44.52 19.07
CA UNK C 45 -56.97 -46.18 22.31
CA UNK C 46 -57.97 -49.48 20.76
CA UNK C 47 -55.79 -48.96 17.71
CA UNK C 48 -52.78 -47.84 19.72
CA UNK C 49 -53.10 -50.72 22.31
CA UNK C 50 -53.35 -53.24 19.50
CA UNK C 51 -50.19 -52.19 17.70
CA UNK C 52 -47.69 -54.52 19.37
CA UNK C 53 -45.40 -54.67 42.73
CA UNK C 54 -47.98 -53.46 45.29
CA UNK C 55 -46.72 -49.85 45.43
CA UNK C 56 -47.34 -49.64 41.68
CA UNK C 57 -50.91 -50.92 42.22
CA UNK C 58 -51.23 -48.51 45.10
CA UNK C 59 -49.97 -45.49 43.20
CA UNK C 60 -52.29 -46.28 40.39
CA UNK C 61 -55.16 -46.34 42.93
CA UNK C 62 -54.13 -43.13 44.66
CA UNK C 63 -53.81 -41.08 41.48
CA UNK C 64 -57.10 -42.24 39.99
CA UNK C 65 -58.61 -40.11 42.74
CA UNK C 66 -56.57 -36.90 42.40
CA UNK C 67 -58.39 -36.20 39.16
CA UNK C 68 -61.81 -37.73 39.94
CA UNK C 69 -62.34 -36.03 43.24
CA UNK C 70 -60.82 -32.70 42.04
CA UNK C 71 -63.24 -32.68 39.11
CA UNK C 72 -66.01 -32.14 41.62
CA UNK C 73 -64.35 -29.09 43.12
CA UNK C 74 -63.53 -27.54 39.78
CA UNK C 75 -67.07 -28.19 38.31
CA UNK C 76 -68.65 -26.65 41.39
CA UNK C 77 -66.74 -23.38 41.25
CA UNK C 78 -69.15 -21.32 39.17
CA UNK C 79 -63.20 -14.86 47.46
CA UNK C 80 -62.34 -15.67 43.82
CA UNK C 81 -58.66 -16.49 44.46
CA UNK C 82 -59.85 -19.18 46.89
CA UNK C 83 -62.15 -20.59 44.20
CA UNK C 84 -59.29 -20.31 41.75
CA UNK C 85 -56.75 -22.03 43.97
CA UNK C 86 -59.04 -24.91 44.48
CA UNK C 87 -59.94 -25.20 40.78
CA UNK C 88 -56.82 -25.58 38.71
CA UNK C 89 -55.06 -27.28 41.55
CA UNK C 90 -57.49 -30.17 41.89
CA UNK C 91 -55.99 -31.27 38.60
CA UNK C 92 -52.25 -30.88 39.30
CA UNK C 93 -52.45 -33.82 41.67
CA UNK C 94 -55.12 -35.92 39.95
CA UNK C 95 -53.62 -35.96 36.57
CA UNK C 96 -50.04 -36.20 37.84
CA UNK C 97 -50.98 -39.38 39.73
CA UNK C 98 -51.44 -41.09 36.42
CA UNK C 99 -47.98 -40.11 35.22
CA UNK C 100 -46.52 -41.23 38.55
CA UNK C 101 -48.40 -44.59 38.79
CA UNK C 102 -47.44 -45.45 35.23
CA UNK C 103 -43.70 -45.02 35.70
CA UNK C 104 -42.76 -48.57 36.65
CA UNK C 105 -35.59 -49.51 20.56
CA UNK C 106 -38.43 -48.49 18.22
CA UNK C 107 -41.01 -47.88 20.98
CA UNK C 108 -38.61 -45.32 22.45
CA UNK C 109 -38.35 -43.63 19.04
CA UNK C 110 -42.11 -43.87 18.75
CA UNK C 111 -42.83 -42.42 22.17
CA UNK C 112 -40.48 -39.67 21.35
CA UNK C 113 -42.41 -38.89 18.24
CA UNK C 114 -45.83 -39.32 19.74
CA UNK C 115 -45.39 -36.41 21.82
CA UNK C 116 -42.98 -34.63 19.49
CA UNK C 117 -46.12 -33.54 17.64
CA UNK C 118 -47.89 -32.68 20.87
CA UNK C 119 -45.47 -29.81 21.33
CA UNK C 120 -44.82 -28.86 17.68
CA UNK C 121 -48.34 -28.61 16.60
CA UNK C 122 -49.55 -27.10 19.86
CA UNK C 123 -47.03 -24.27 19.43
CA UNK C 124 -49.03 -23.08 16.48
CA UNK C 125 -52.25 -22.96 18.47
CA UNK C 126 -50.44 -21.15 21.27
CA UNK C 127 -48.57 -18.59 19.06
CA UNK C 128 -51.77 -17.75 17.22
CA UNK C 129 -53.81 -16.89 20.29
CA UNK C 130 -53.13 -13.16 20.47
CA UNK C 131 -51.86 -13.00 32.13
CA UNK C 132 -51.56 -14.13 28.49
CA UNK C 133 -47.74 -13.85 28.31
CA UNK C 134 -47.56 -16.32 31.21
CA UNK C 135 -49.85 -18.70 29.30
CA UNK C 136 -47.76 -18.07 26.21
CA UNK C 137 -44.43 -18.68 27.91
CA UNK C 138 -45.81 -21.88 29.33
CA UNK C 139 -46.87 -22.82 25.81
CA UNK C 140 -43.46 -22.11 24.26
CA UNK C 141 -41.99 -23.47 27.42
CA UNK C 142 -43.69 -26.85 26.98
CA UNK C 143 -42.32 -26.74 23.45
CA UNK C 144 -38.84 -25.65 24.02
CA UNK C 145 -37.90 -29.02 25.50
CA UNK C 146 -40.81 -30.91 23.92
CA UNK C 147 -38.71 -31.02 21.33
CA UNK C 148 -35.35 -32.14 22.71
CA UNK C 149 -36.56 -35.59 23.72
CA UNK C 150 -37.52 -36.24 20.15
CA UNK C 151 -34.00 -35.44 18.96
CA UNK C 152 -32.58 -37.59 21.74
CA UNK C 153 -34.95 -40.59 21.29
CA UNK C 154 -34.25 -40.62 17.57
CA UNK C 155 -30.48 -40.82 17.87
CA UNK C 156 -30.03 -44.59 17.82
CA UNK D 1 30.79 -16.73 44.91
CA UNK D 2 32.98 -13.77 45.93
CA UNK D 3 32.73 -11.94 42.59
CA UNK D 4 28.95 -11.88 43.06
CA UNK D 5 29.42 -10.40 46.55
CA UNK D 6 31.93 -8.00 45.07
CA UNK D 7 29.72 -6.89 42.20
CA UNK D 8 26.87 -6.46 44.72
CA UNK D 9 29.25 -4.21 46.61
CA UNK D 10 30.49 -2.08 43.67
CA UNK D 11 26.82 -1.64 42.68
CA UNK D 12 27.18 0.37 45.91
CA UNK D 13 27.90 3.31 43.60
CA UNK D 14 24.69 2.73 41.46
CA UNK D 15 22.47 3.67 44.40
CA UNK D 16 24.89 5.93 46.27
CA UNK D 17 24.02 7.43 43.09
CA UNK D 18 20.32 7.44 43.81
CA UNK D 19 20.74 8.93 47.28
CA UNK D 20 21.87 12.11 45.57
CA UNK D 21 18.75 12.27 43.40
CA UNK D 22 16.60 11.59 46.46
CA UNK D 23 18.34 14.10 48.83
CA UNK D 24 18.14 16.82 46.20
CA UNK D 25 14.39 16.58 45.65
CA UNK D 26 13.21 19.17 48.18
CA UNK D 27 23.78 20.82 35.78
CA UNK D 28 26.02 18.69 38.05
CA UNK D 29 23.16 16.83 39.78
CA UNK D 30 22.05 15.63 36.34
CA UNK D 31 25.60 14.40 35.64
CA UNK D 32 25.64 12.87 39.09
CA UNK D 33 22.30 11.11 38.74
CA UNK D 34 23.49 9.82 35.48
CA UNK D 35 26.52 8.35 37.10
CA UNK D 36 24.79 7.07 40.18
CA UNK D 37 22.84 4.69 38.30
CA UNK D 38 25.66 4.13 35.72
CA UNK D 39 27.09 1.56 38.12
CA UNK D 40 23.98 -0.39 39.08
CA UNK D 41 23.97 -1.87 35.60
CA UNK D 42 27.71 -2.01 34.90
CA UNK D 43 28.75 -3.70 38.09
CA UNK D 44 25.67 -6.03 38.10
CA UNK D 45 26.55 -7.17 34.60
CA UNK D 46 29.59 -8.85 36.07
CA UNK D 47 27.55 -10.81 38.61
CA UNK D 48 24.96 -11.89 36.07
CA UNK D 49 27.60 -12.91 33.41
CA UNK D 50 29.47 -14.94 36.01
CA UNK D 51 26.50 -17.01 37.14
CA UNK D 52 26.88 -19.98 34.80
CA UNK D 53 31.94 -13.09 14.95
CA UNK D 54 31.18 -10.81 11.97
CA UNK D 55 27.54 -10.10 12.95
CA UNK D 56 28.86 -8.72 16.24
CA UNK D 57 31.27 -6.45 14.34
CA UNK D 58 28.43 -5.56 12.01
CA UNK D 59 25.95 -4.76 14.76
CA UNK D 60 28.52 -2.61 16.47
CA UNK D 61 28.96 -0.72 13.16
CA UNK D 62 25.24 -0.35 12.52
CA UNK D 63 24.41 1.09 15.98
CA UNK D 64 27.43 3.44 15.95
CA UNK D 65 25.27 5.37 13.43
CA UNK D 66 22.42 5.55 15.71
CA UNK D 67 24.20 7.99 18.02
CA UNK D 68 24.77 9.41 14.54
CA UNK D 69 21.21 8.88 13.75
CA UNK D 70 20.25 11.09 16.75
CA UNK D 71 22.79 13.78 15.94
CA UNK D 72 20.63 14.67 12.98
CA UNK D 73 17.59 15.08 15.21
CA UNK D 74 19.66 17.14 17.65
CA UNK D 75 21.36 19.40 15.04
CA UNK D 76 18.00 20.08 13.44
CA UNK D 77 16.27 21.27 16.59
CA UNK D 78 16.97 25.00 16.32
CA UNK D 79 7.25 20.86 11.32
CA UNK D 80 8.07 19.54 14.81
CA UNK D 81 6.33 16.16 14.36
CA UNK D 82 8.62 15.53 11.39
CA UNK D 83 11.65 16.37 13.56
CA UNK D 84 10.18 14.19 16.27
CA UNK D 85 9.50 11.22 14.02
CA UNK D 86 12.98 11.43 12.68
CA UNK D 87 14.26 11.33 16.29
CA UNK D 88 12.03 8.45 17.34
CA UNK D 89 12.93 6.19 14.43
CA UNK D 90 16.68 6.75 14.70
CA UNK D 91 16.33 4.70 17.86
CA UNK D 92 14.21 1.77 16.61
CA UNK D 93 17.22 0.56 14.66
CA UNK D 94 20.05 1.67 16.97
CA UNK D 95 18.66 0.21 20.14
CA UNK D 96 17.39 -2.98 18.40
CA UNK D 97 20.87 -3.57 16.99
CA UNK D 98 21.99 -4.28 20.53
CA UNK D 99 19.34 -6.92 21.09
CA UNK D 100 19.98 -8.63 17.77
CA UNK D 101 23.84 -8.60 18.19
CA UNK D 102 23.50 -10.07 21.66
CA UNK D 103 21.38 -13.05 20.66
CA UNK D 104 24.12 -15.60 20.03
CA UNK D 105 17.54 -21.35 32.63
CA UNK D 106 18.01 -18.72 35.36
CA UNK D 107 19.33 -15.99 33.04
CA UNK D 108 16.09 -16.29 31.07
CA UNK D 109 14.11 -15.88 34.30
CA UNK D 110 16.38 -13.02 35.23
CA UNK D 111 16.07 -11.22 31.91
CA UNK D 112 12.40 -11.63 32.20
CA UNK D 113 12.43 -9.94 35.55
CA UNK D 114 14.91 -7.26 34.66
CA UNK D 115 12.57 -5.72 32.40
CA UNK D 116 9.45 -6.89 34.22
CA UNK D 117 10.08 -3.92 36.50
CA UNK D 118 10.82 -1.65 33.57
CA UNK D 119 7.18 -1.89 32.59
CA UNK D 120 5.54 -2.27 36.02
CA UNK D 121 7.18 0.60 37.66
CA UNK D 122 7.06 2.82 34.57
CA UNK D 123 3.28 2.37 34.45
CA UNK D 124 3.04 4.34 37.64
CA UNK D 125 5.04 7.24 36.20
CA UNK D 126 2.92 7.13 33.05
CA UNK D 127 -0.53 6.85 34.80
CA UNK D 128 0.36 9.72 37.11
CA UNK D 129 1.21 12.21 34.38
CA UNK D 130 -2.19 13.84 33.92
CA UNK D 131 -3.26 14.47 23.10
CA UNK D 132 -2.81 13.08 26.65
CA UNK D 133 -5.20 10.13 26.20
CA UNK D 134 -3.01 8.98 23.30
CA UNK D 135 0.06 9.23 25.57
CA UNK D 136 -1.91 7.48 28.27
CA UNK D 137 -3.11 4.64 26.07
CA UNK D 138 0.45 4.20 24.87
CA UNK D 139 1.49 4.03 28.51
CA UNK D 140 -1.10 1.42 29.47
CA UNK D 141 -0.58 -0.06 26.04
CA UNK D 142 3.07 -0.78 26.81
CA UNK D 143 2.05 -2.25 30.17
CA UNK D 144 -0.79 -4.39 28.97
CA UNK D 145 1.56 -6.79 27.18
CA UNK D 146 4.65 -5.79 29.15
CA UNK D 147 3.24 -8.01 31.56
CA UNK D 148 2.41 -11.18 29.64
CA UNK D 149 6.01 -11.99 28.79
CA UNK D 150 6.81 -11.97 32.48
CA UNK D 151 4.10 -14.57 33.12
CA UNK D 152 5.35 -16.57 30.13
CA UNK D 153 9.08 -16.37 30.93
CA UNK D 154 8.35 -17.46 34.48
CA UNK D 155 6.44 -20.61 33.56
CA UNK E 1 -17.17 -34.00 49.54
CA UNK E 2 -17.14 -36.26 52.64
CA UNK E 3 -18.51 -37.86 55.84
CA UNK E 4 -18.40 -37.17 59.62
CA UNK E 5 -22.03 -36.47 58.47
CA UNK E 6 -23.18 -39.11 60.93
CA UNK E 7 -22.06 -36.96 63.88
CA UNK E 8 -24.59 -36.97 66.81
CA UNK E 9 -22.94 -35.68 69.82
CA UNK E 10 -21.20 -33.06 67.67
CA UNK E 11 -24.31 -32.36 65.61
CA UNK E 12 -26.59 -31.94 68.66
CA UNK E 13 -23.99 -29.45 70.02
CA UNK E 14 -24.08 -27.59 66.41
CA UNK E 15 -27.87 -27.99 66.03
CA UNK E 16 -27.99 -26.25 69.32
CA UNK E 17 -25.51 -23.67 68.31
CA UNK E 18 -26.85 -23.33 64.77
CA UNK E 19 -29.79 -21.66 66.50
CA UNK E 20 -27.88 -19.19 68.81
CA UNK E 21 -26.15 -17.56 65.74
CA UNK E 22 -29.63 -17.31 64.22
CA UNK E 23 -30.75 -15.97 67.42
CA UNK E 24 -27.94 -13.48 67.21
CA UNK E 25 -29.40 -12.21 63.88
CA UNK E 26 -32.84 -11.22 65.26
CA UNK E 27 -31.60 -9.37 68.33
CA UNK E 28 -29.39 -7.16 66.14
CA UNK E 29 -31.96 -6.01 63.65
CA UNK E 30 -34.53 -5.42 66.37
CA UNK E 31 -32.10 -2.80 67.64
CA UNK E 32 -28.31 -1.57 66.55
CA UNK E 33 -25.95 -0.67 63.71
CA UNK E 34 -23.63 1.73 61.95
CA UNK E 35 -25.97 2.97 59.27
CA UNK E 36 -29.64 3.11 58.31
CA UNK E 37 -32.69 5.22 57.45
CA UNK E 38 -36.26 4.00 57.89
CA UNK E 39 -36.86 7.46 59.38
CA UNK E 40 -35.08 9.63 56.84
CA UNK F 1 -3.15 -31.51 65.66
CA UNK F 2 -4.47 -28.18 64.30
CA UNK F 3 -8.16 -29.15 64.76
CA UNK F 4 -6.99 -27.30 61.53
CA UNK F 5 -8.13 -26.17 58.04
CA UNK F 6 -11.68 -27.40 58.53
CA UNK F 7 -12.11 -25.12 61.55
CA UNK F 8 -10.75 -22.13 59.57
CA UNK F 9 -13.11 -23.14 56.76
CA UNK F 10 -16.21 -23.43 58.95
CA UNK F 11 -15.36 -20.10 60.45
CA UNK F 12 -15.34 -18.46 57.07
CA UNK F 13 -18.29 -20.03 55.33
CA UNK F 14 -20.88 -21.14 58.21
CA UNK F 15 -20.76 -18.05 60.46
CA UNK F 16 -21.28 -16.16 57.37
CA UNK F 17 -24.45 -18.20 56.34
CA UNK F 18 -26.39 -18.21 59.61
CA UNK F 19 -25.70 -14.59 60.51
CA UNK F 20 -25.95 -13.40 57.02
CA UNK F 21 -29.23 -15.31 57.21
CA UNK F 22 -30.49 -13.04 59.99
CA UNK F 23 -30.17 -10.86 57.02
CA UNK F 24 -33.34 -12.78 56.17
CA UNK F 25 -34.66 -12.73 59.73
CA UNK F 26 -34.03 -8.95 60.32
CA UNK F 27 -35.70 -8.16 57.02
CA UNK F 28 -38.91 -10.04 57.72
CA UNK F 29 -41.15 -7.27 59.23
CA UNK F 30 -39.98 -3.82 59.38
CA UNK G 1 -33.21 -47.36 5.42
CA UNK G 2 -35.61 -44.67 6.68
CA UNK G 3 -33.25 -41.72 6.03
CA UNK G 4 -33.19 -42.78 2.37
CA UNK G 5 -36.99 -42.83 2.32
CA UNK G 6 -37.01 -39.49 4.04
CA UNK G 7 -34.44 -37.84 1.76
CA UNK G 8 -36.53 -39.11 -1.14
CA UNK G 9 -39.49 -37.44 0.43
CA UNK G 10 -37.87 -34.08 1.24
CA UNK G 11 -36.36 -33.55 -2.20
CA UNK G 12 -39.61 -34.41 -3.97
CA UNK G 13 -40.67 -30.99 -2.81
CA UNK G 14 -37.57 -28.99 -3.41
CA UNK G 15 -38.74 -28.67 -6.97
CA UNK G 16 -42.39 -29.37 -6.66
CA UNK G 17 -42.83 -26.35 -4.41
CA UNK G 18 -40.26 -24.20 -6.15
CA UNK G 19 -41.96 -24.52 -9.54
CA UNK G 20 -44.71 -22.45 -8.13
CA UNK G 21 -42.38 -19.68 -7.15
CA UNK G 22 -40.71 -19.74 -10.53
CA UNK G 23 -43.87 -19.98 -12.50
CA UNK G 24 -45.44 -16.99 -10.71
CA UNK G 25 -42.57 -14.75 -11.45
CA UNK G 26 -43.65 -12.83 -14.51
CA UNK G 27 -7.89 -34.20 0.16
CA UNK G 28 -9.67 -32.13 2.83
CA UNK G 29 -6.94 -29.46 3.11
CA UNK G 30 -7.41 -28.79 -0.61
CA UNK G 31 -11.15 -28.41 -0.06
CA UNK G 32 -10.43 -26.20 2.91
CA UNK G 33 -7.86 -23.99 1.15
CA UNK G 34 -10.42 -23.61 -1.63
CA UNK G 35 -12.90 -22.51 0.96
CA UNK G 36 -10.66 -20.05 2.85
CA UNK G 37 -9.42 -18.21 -0.23
CA UNK G 38 -12.94 -17.84 -1.65
CA UNK G 39 -13.30 -15.20 1.02
CA UNK G 40 -9.98 -13.49 0.82
CA UNK G 41 -11.42 -11.50 -2.03
CA UNK G 42 -15.09 -11.86 -1.45
CA UNK G 43 -14.79 -10.14 1.91
CA UNK G 44 -12.07 -7.72 0.85
CA UNK G 45 -14.13 -6.33 -2.03
CA UNK G 46 -16.35 -4.81 0.56
CA UNK G 47 -13.51 -3.03 2.23
CA UNK G 48 -12.21 -1.76 -1.07
CA UNK G 49 -15.55 -0.76 -2.43
CA UNK G 50 -16.41 1.27 0.71
CA UNK G 51 -13.28 3.29 0.53
CA UNK G 52 -14.34 6.46 -1.21
CA UNK G 53 1.75 -31.20 7.48
CA UNK G 54 -0.34 -29.75 10.34
CA UNK G 55 1.72 -26.56 10.75
CA UNK G 56 0.95 -25.77 7.10
CA UNK G 57 -2.75 -26.31 7.77
CA UNK G 58 -2.44 -24.18 10.87
CA UNK G 59 -0.51 -21.34 9.22
CA UNK G 60 -3.20 -21.37 6.54
CA UNK G 61 -5.75 -21.03 9.27
CA UNK G 62 -4.06 -18.26 11.27
CA UNK G 63 -3.41 -15.99 8.30
CA UNK G 64 -6.96 -16.35 7.01
CA UNK G 65 -7.80 -14.04 9.87
CA UNK G 66 -4.97 -11.61 9.71
CA UNK G 67 -6.95 -9.82 7.05
CA UNK G 68 -10.41 -11.05 7.69
CA UNK G 69 -10.37 -9.53 11.17
CA UNK G 70 -8.33 -6.48 10.22
CA UNK G 71 -10.77 -5.41 7.50
CA UNK G 72 -13.17 -4.62 10.25
CA UNK G 73 -10.73 -2.35 11.97
CA UNK G 74 -9.91 -0.61 8.74
CA UNK G 75 -13.43 -0.32 7.55
CA UNK G 76 -14.60 1.26 10.85
CA UNK G 77 -12.03 3.95 10.73
CA UNK G 78 -13.84 6.90 9.26
CA UNK G 79 11.22 -26.77 2.81
CA UNK G 80 9.29 -25.45 5.84
CA UNK G 81 11.11 -22.10 6.03
CA UNK G 82 9.95 -21.43 2.46
CA UNK G 83 6.38 -22.25 3.48
CA UNK G 84 6.80 -20.06 6.51
CA UNK G 85 8.33 -17.09 4.66
CA UNK G 86 5.41 -17.39 2.25
CA UNK G 87 3.11 -17.22 5.20
CA UNK G 88 4.74 -14.29 7.01
CA UNK G 89 4.93 -12.02 3.97
CA UNK G 90 1.30 -12.68 3.02
CA UNK G 91 0.55 -10.40 5.93
CA UNK G 92 3.14 -7.75 5.48
CA UNK G 93 0.79 -6.18 3.01
CA UNK G 94 -2.48 -7.67 3.98
CA UNK G 95 -2.25 -6.09 7.41
CA UNK G 96 -0.56 -2.91 6.25
CA UNK G 97 -3.32 -2.09 3.77
CA UNK G 98 -5.51 -1.45 6.72
CA UNK G 99 -3.12 1.05 8.19
CA UNK G 100 -2.74 2.79 4.88
CA UNK G 101 -6.37 2.78 4.02
CA UNK G 102 -7.36 4.31 7.39
CA UNK G 103 -5.04 7.19 7.02
CA UNK G 104 -7.22 9.96 5.70
CA UNK G 105 -42.84 -51.14 53.74
CA UNK G 106 -44.88 -49.42 51.01
CA UNK G 107 -48.27 -50.80 52.13
CA UNK G 108 -47.65 -49.17 55.51
CA UNK G 109 -46.90 -45.88 53.78
CA UNK G 110 -49.97 -46.36 51.66
CA UNK G 111 -52.32 -47.27 54.53
CA UNK G 112 -51.01 -44.16 56.27
CA UNK G 113 -51.92 -42.20 53.22
CA UNK G 114 -55.41 -43.65 52.65
CA UNK G 115 -56.59 -43.20 56.22
CA UNK G 116 -55.35 -39.61 56.38
CA UNK G 117 -58.37 -38.90 54.23
CA UNK G 118 -60.95 -41.07 55.84
CA UNK G 119 -61.45 -38.26 58.30
CA UNK G 120 -60.06 -35.34 56.44
CA UNK G 121 -62.67 -35.75 53.72
CA UNK G 122 -65.44 -36.89 56.03
CA UNK G 123 -65.20 -33.78 58.22
CA UNK G 124 -66.56 -31.88 55.31
CA UNK G 125 -69.58 -34.08 55.04
CA UNK G 126 -70.22 -33.86 58.74
CA UNK G 127 -69.61 -30.17 59.01
CA UNK G 128 -72.05 -29.39 56.16
CA UNK G 129 -74.85 -31.27 57.73
CA UNK G 130 -76.86 -28.61 59.49
CA UNK G 131 -50.64 -61.62 55.92
CA UNK G 132 -52.61 -59.49 58.40
CA UNK G 133 -51.43 -56.11 57.04
CA UNK G 134 -52.89 -57.14 53.67
CA UNK G 135 -56.18 -57.98 55.37
CA UNK G 136 -56.01 -54.72 57.23
CA UNK G 137 -55.16 -52.57 54.18
CA UNK G 138 -58.10 -54.24 52.47
CA UNK G 139 -60.23 -53.22 55.38
CA UNK G 140 -59.06 -49.60 55.67
CA UNK G 141 -59.47 -48.77 52.00
CA UNK G 142 -62.96 -50.29 51.84
CA UNK G 143 -63.96 -47.17 53.69
CA UNK G 144 -61.92 -44.57 51.93
CA UNK G 145 -64.66 -44.49 49.35
CA UNK G 146 -67.54 -45.94 51.23
CA UNK G 147 -67.42 -43.08 53.72
CA UNK G 148 -66.40 -40.43 51.20
CA UNK G 149 -69.41 -41.11 48.96
CA UNK G 150 -71.51 -39.65 51.68
CA UNK G 151 -69.54 -36.45 51.75
CA UNK G 152 -69.68 -36.17 47.99
CA UNK G 153 -73.29 -37.06 47.66
CA UNK G 154 -74.36 -34.46 50.27
CA UNK G 155 -72.63 -31.67 48.51
CA UNK G 156 -75.35 -30.03 46.50
CA UNK G 157 -28.91 -42.83 58.83
CA UNK G 158 -29.22 -41.32 55.33
CA UNK G 159 -32.88 -40.27 55.67
CA UNK G 160 -31.84 -38.17 58.67
CA UNK G 161 -29.11 -36.56 56.60
CA UNK G 162 -31.59 -36.06 53.81
CA UNK G 163 -34.35 -34.59 55.99
CA UNK G 164 -31.70 -32.24 57.37
CA UNK G 165 -30.91 -31.26 53.84
CA UNK G 166 -34.49 -30.78 52.58
CA UNK G 167 -35.62 -28.60 55.48
CA UNK G 168 -32.53 -26.37 55.25
CA UNK G 169 -34.28 -24.97 52.22
CA UNK G 170 -37.82 -24.79 53.41
CA UNK G 171 -36.88 -21.50 54.98
CA UNK G 172 -33.83 -20.56 53.05
CA UNK G 173 -35.83 -20.43 49.84
CA UNK G 174 -39.01 -19.11 51.42
CA UNK G 175 -37.25 -16.06 52.89
CA UNK G 176 -36.88 -14.83 49.38
CA UNK G 177 -40.56 -15.08 48.70
CA UNK G 178 -41.39 -13.32 51.93
CA UNK G 179 -38.79 -10.66 51.60
CA UNK G 180 -39.94 -9.73 48.06
CA UNK G 181 -43.47 -9.23 49.09
CA UNK G 182 -43.75 -5.51 49.61
CA UNK G 183 -34.49 -55.38 56.61
CA UNK G 184 -35.17 -52.97 53.72
CA UNK G 185 -38.94 -52.70 54.33
CA UNK G 186 -38.13 -51.46 57.84
CA UNK G 187 -35.79 -48.86 56.37
CA UNK G 188 -38.44 -47.96 53.86
CA UNK G 189 -41.31 -47.72 56.36
CA UNK G 190 -39.03 -45.48 58.41
CA UNK G 191 -38.56 -43.36 55.36
CA UNK G 192 -42.22 -43.13 54.28
CA UNK G 193 -43.56 -42.15 57.70
CA UNK G 194 -40.90 -39.47 58.18
CA UNK G 195 -42.98 -37.54 55.71
CA UNK G 196 -46.44 -38.33 56.86
CA UNK G 197 -45.98 -35.56 59.38
CA UNK G 198 -43.22 -33.57 57.85
CA UNK G 199 -45.36 -32.82 54.81
CA UNK G 200 -48.63 -32.59 56.69
CA UNK G 201 -47.34 -29.88 59.04
CA UNK G 202 -47.32 -27.60 56.08
CA UNK G 203 -50.94 -28.26 55.32
CA UNK G 204 -51.90 -27.73 58.92
CA UNK G 205 -49.79 -24.69 59.44
CA UNK G 206 -51.23 -22.95 56.34
CA UNK G 207 -54.76 -23.38 57.46
CA UNK G 208 -55.61 -20.09 59.08
CA UNK G 209 5.47 -24.44 64.56
CA UNK G 210 2.07 -22.79 63.98
CA UNK G 211 2.38 -20.27 66.84
CA UNK G 212 5.55 -18.99 65.17
CA UNK G 213 3.66 -18.62 61.89
CA UNK G 214 0.85 -16.95 63.76
CA UNK G 215 3.05 -14.54 65.74
CA UNK G 216 4.66 -13.64 62.42
CA UNK G 217 1.24 -12.93 61.08
CA UNK G 218 -0.09 -10.87 64.01
CA UNK G 219 2.93 -8.57 64.25
CA UNK G 220 2.94 -7.90 60.50
CA UNK G 221 -0.04 -5.73 61.30
CA UNK G 222 1.05 -4.09 64.47
CA UNK G 223 2.89 -1.62 62.28
CA UNK G 224 1.12 -2.00 59.03
CA UNK G 225 -2.13 -0.86 60.60
CA UNK G 226 -0.57 1.65 62.97
CA UNK G 227 1.16 3.54 60.16
CA UNK G 228 -2.23 4.66 59.09
CA UNK G 229 -3.04 6.07 62.47
CA UNK G 230 0.28 7.85 62.65
CA UNK G 231 0.21 9.12 59.14
CA UNK G 232 -3.28 10.63 59.57
CA UNK G 233 -2.33 12.58 62.59
CA UNK G 234 -1.57 16.01 61.26
CA UNK G 235 25.83 -15.96 54.78
CA UNK G 236 22.03 -16.26 54.47
CA UNK G 237 21.21 -13.84 57.31
CA UNK G 238 23.18 -11.18 55.42
CA UNK G 239 21.17 -11.93 52.29
CA UNK G 240 18.02 -11.84 54.36
CA UNK G 241 18.82 -8.58 56.17
CA UNK G 242 19.53 -7.11 52.75
CA UNK G 243 16.13 -8.27 51.67
CA UNK G 244 14.16 -7.06 54.70
CA UNK G 245 15.60 -3.55 54.72
CA UNK G 246 15.03 -3.09 50.99
CA UNK G 247 11.42 -2.68 52.01
CA UNK G 248 11.74 -0.61 55.10
CA UNK G 249 11.92 2.36 52.81
CA UNK G 250 11.71 2.10 49.77
CA UNK G 251 8.26 0.55 50.07
CA UNK G 252 6.88 3.15 52.45
CA UNK G 253 7.66 6.04 50.10
CA UNK G 254 4.99 4.70 47.88
CA UNK G 255 2.42 4.78 50.61
CA UNK G 256 3.39 8.28 51.57
CA UNK G 257 3.62 9.60 48.09
CA UNK G 258 0.13 8.29 47.18
CA UNK G 259 -1.50 9.99 50.06
CA UNK G 260 -2.86 13.18 48.59
CA UNK G 261 -26.41 -44.43 46.32
CA UNK G 262 -29.65 -44.66 44.30
CA UNK G 263 -31.90 -45.49 47.28
CA UNK G 264 -30.75 -42.22 48.87
CA UNK G 265 -31.63 -40.37 45.67
CA UNK G 266 -34.93 -42.18 45.59
CA UNK G 267 -35.83 -41.57 49.25
CA UNK G 268 -35.04 -37.92 48.59
CA UNK G 269 -37.44 -38.04 45.70
CA UNK G 270 -40.31 -39.85 47.46
CA UNK G 271 -40.97 -37.41 49.61
CA UNK G 272 -39.92 -34.61 47.26
CA UNK G 273 -43.55 -34.66 46.26
CA UNK G 274 -45.24 -35.07 49.56
CA UNK G 275 -44.89 -31.34 49.96
CA UNK G 276 -44.44 -30.22 46.43
CA UNK G 277 -47.86 -31.56 45.51
CA UNK G 278 -49.50 -30.72 48.82
CA UNK G 279 -48.59 -27.03 48.58
CA UNK G 280 -51.03 -26.81 45.76
CA UNK G 281 -53.83 -28.20 47.83
CA UNK G 282 -53.01 -25.88 50.69
CA UNK G 283 -52.53 -22.83 48.58
CA UNK G 284 -55.89 -23.30 46.81
CA UNK G 285 -57.80 -23.47 49.99
CA UNK G 286 -59.11 -19.97 50.46
CA UNK G 287 -13.38 -38.20 74.75
CA UNK G 288 -16.30 -36.98 72.61
CA UNK G 289 -18.56 -36.03 75.56
CA UNK G 290 -15.80 -33.68 76.73
CA UNK G 291 -15.65 -32.13 73.26
CA UNK G 292 -19.41 -31.91 73.27
CA UNK G 293 -19.73 -30.38 76.75
CA UNK G 294 -17.13 -27.85 75.62
CA UNK G 295 -19.31 -27.10 72.66
CA UNK G 296 -22.65 -26.83 74.50
CA UNK G 297 -21.85 -24.12 76.25
CA UNK G 298 -19.54 -22.70 73.58
CA UNK G 299 -22.67 -20.95 72.40
CA UNK G 300 -24.22 -19.91 75.64
CA UNK G 301 -21.92 -16.94 75.53
CA UNK G 302 -21.05 -16.76 71.90
CA UNK G 303 -24.69 -16.20 71.00
CA UNK G 304 -25.53 -14.13 74.07
CA UNK G 305 -22.78 -11.57 73.35
CA UNK G 306 -24.82 -10.51 70.42
CA UNK G 307 -27.87 -9.87 72.51
CA UNK G 308 -25.86 -7.94 75.05
CA UNK G 309 -23.88 -5.98 72.55
CA UNK G 310 -27.03 -4.84 70.69
CA UNK G 311 -28.64 -3.50 73.76
CA UNK G 312 -27.86 0.18 73.66
CA UNK H 1 -59.89 10.86 -14.86
CA UNK H 2 -57.11 13.31 -13.88
CA UNK H 3 -54.31 15.64 -12.68
CA UNK H 4 -51.47 17.58 -10.94
CA UNK H 5 -48.73 18.69 -8.54
CA UNK H 6 -45.56 18.74 -6.41
CA UNK H 7 -42.87 17.46 -4.04
CA UNK H 8 -40.76 16.35 -1.06
CA UNK H 9 -38.52 17.74 1.69
CA UNK H 10 -36.46 20.38 3.53
CA UNK H 11 -33.64 21.18 1.08
CA UNK H 12 -34.85 19.54 -2.15
CA UNK H 13 -37.17 20.60 -4.98
CA UNK H 14 -40.02 18.78 -6.76
CA UNK H 15 -41.94 17.89 -9.94
CA UNK H 16 -45.24 16.15 -10.69
CA UNK H 17 -48.08 14.66 -12.77
CA UNK H 18 -51.15 12.80 -11.50
CA UNK H 19 -52.67 10.34 -13.99
CA UNK H 20 -56.09 8.79 -13.29
CA UNK H 21 -59.73 8.02 -12.45
CA UNK H 22 -58.13 6.58 -9.31
CA UNK H 23 -54.45 5.95 -10.09
CA UNK H 24 -52.68 4.96 -13.31
CA UNK H 25 -49.95 7.37 -14.45
CA UNK H 26 -46.94 8.77 -12.57
CA UNK H 27 -44.69 11.50 -13.99
CA UNK H 28 -41.91 14.08 -13.62
CA UNK H 29 -41.86 14.44 -17.41
CA UNK H 30 -41.47 10.68 -17.91
CA UNK H 31 -42.09 7.61 -15.72
CA UNK H 32 -42.23 5.65 -12.45
CA UNK H 33 -43.43 2.73 -10.31
CA UNK H 34 -43.40 2.70 -6.50
CA UNK H 35 -44.50 1.73 -2.98
CA UNK H 36 -48.04 0.33 -3.16
CA UNK H 37 -51.84 0.23 -2.96
CA UNK H 38 -51.24 3.71 -1.53
CA UNK H 39 -52.88 5.04 -4.70
CA UNK H 40 -56.23 6.62 -3.81
CA UNK H 41 -58.08 9.61 -2.33
CA UNK H 42 -68.73 25.86 -17.49
CA UNK H 43 -67.28 24.56 -14.18
CA UNK H 44 -65.79 24.70 -10.65
CA UNK H 45 -63.63 23.48 -7.70
CA UNK H 46 -61.72 23.47 -4.41
CA UNK H 47 -59.01 21.77 -2.33
CA UNK H 48 -57.65 18.66 -0.58
CA UNK H 49 -55.16 16.26 -2.19
CA UNK H 50 -52.22 13.87 -2.58
CA UNK H 51 -48.60 13.81 -1.40
CA UNK H 52 -54.23 22.54 -2.46
CA UNK H 53 -55.91 23.16 -5.83
CA UNK H 54 -58.01 23.88 -8.94
CA UNK H 55 -60.46 23.53 -11.88
CA UNK H 56 -63.16 21.28 -13.37
CA UNK H 57 -64.77 19.35 -16.23
CA UNK H 58 -67.04 17.73 -18.84
CA UNK H 59 -69.45 15.43 -20.69
CA UNK H 60 -72.53 15.90 -18.51
CA UNK H 61 -74.43 8.39 -15.74
CA UNK H 62 -71.00 9.03 -17.29
CA UNK H 63 -67.93 9.69 -19.45
CA UNK H 64 -65.50 12.61 -19.08
CA UNK H 65 -63.08 14.65 -16.97
CA UNK H 66 -61.21 16.84 -14.46
CA UNK H 67 -58.00 18.64 -13.51
CA UNK H 68 -55.92 20.53 -10.93
CA UNK H 69 -53.18 22.33 -8.97
CA UNK H 70 -51.20 24.09 -6.22
CA UNK H 71 -48.82 24.65 -3.29
CA UNK H 72 -47.08 25.16 0.07
CA UNK H 73 -44.36 24.48 2.65
CA UNK H 74 -42.64 24.30 6.05
CA UNK H 75 -39.03 24.75 7.19
CA UNK H 76 -35.63 24.47 8.89
CA UNK H 77 -63.57 10.09 -13.78
CA UNK H 78 -63.25 8.98 -10.11
CA UNK H 79 -62.04 8.83 -6.47
CA UNK H 80 -62.28 7.80 -2.77
CA UNK H 81 -62.58 8.82 0.89
CA UNK H 82 -64.64 11.95 0.17
CA UNK H 83 -63.95 14.20 3.17
CA UNK H 84 -64.13 17.96 3.80
CA UNK H 85 -65.54 20.16 1.02
CA UNK H 86 -66.25 21.61 -2.44
CA UNK H 87 -67.67 23.07 -5.66
CA UNK H 88 -69.24 24.22 -8.94
CA UNK H 89 -71.20 25.86 -11.78
CA UNK H 90 -72.31 27.41 -15.08
CA UNK H 91 -73.64 25.80 -18.27
CA UNK H 92 -75.99 23.17 -16.80
CA UNK H 93 -78.31 20.16 -16.52
CA UNK H 94 -79.47 16.91 -14.91
CA UNK H 95 -78.70 13.37 -13.72
CA UNK H 96 -78.94 9.56 -13.76
CA UNK H 97 -77.89 6.98 -11.15
CA UNK H 98 -76.67 6.80 -7.55
CA UNK H 99 -75.09 30.85 -13.43
CA UNK H 100 -74.93 29.86 -9.71
CA UNK H 101 -74.04 26.88 -7.45
CA UNK H 102 -72.90 24.10 -5.05
CA UNK H 103 -71.42 21.33 -2.90
CA UNK H 104 -70.72 18.27 -0.72
CA UNK H 105 -70.91 14.55 -1.54
CA UNK H 106 -69.89 10.95 -2.27
CA UNK H 107 -66.19 10.45 -3.09
CA UNK H 108 -73.06 11.15 -6.66
CA UNK H 109 -75.60 13.50 -5.06
CA UNK H 110 -77.67 16.02 -3.08
CA UNK H 111 -79.64 19.28 -3.03
CA UNK H 112 -79.51 22.98 -2.12
CA UNK H 113 -81.67 23.51 -5.23
CA UNK H 114 -81.83 23.71 -9.03
CA UNK H 115 -83.14 20.57 -10.73
CA UNK I 1 -65.63 24.15 49.99
CA UNK I 2 -63.95 25.10 53.28
CA UNK I 3 -62.10 23.10 55.94
CA UNK I 4 -60.73 19.91 57.54
CA UNK I 5 -59.86 16.12 57.96
CA UNK I 6 -57.23 13.61 58.75
CA UNK I 7 -58.26 10.23 57.22
CA UNK I 8 -56.41 7.70 59.17
CA UNK I 9 -53.38 5.44 58.85
CA UNK I 10 -55.48 2.51 57.66
CA UNK I 11 -57.77 4.88 55.09
CA UNK I 12 -54.89 5.57 53.05
CA UNK I 13 -53.97 1.95 52.39
CA UNK I 14 -57.59 1.27 51.37
CA UNK I 15 -57.56 4.20 49.35
CA UNK I 16 -54.35 3.08 47.37
CA UNK I 17 -55.80 -0.33 46.48
CA UNK I 18 -58.93 1.34 44.95
CA UNK I 19 -56.63 3.61 43.00
CA UNK I 20 -54.59 0.66 41.84
CA UNK I 21 -57.62 -1.31 40.70
CA UNK I 22 -59.66 1.51 39.21
CA UNK I 23 -56.49 3.71 39.36
CA UNK I 24 -53.29 2.81 37.58
CA UNK I 25 -54.37 4.04 34.16
CA UNK I 26 -54.38 7.51 35.62
CA UNK I 27 -54.98 9.38 32.28
CA UNK I 28 -56.53 8.18 29.01
CA UNK I 29 -56.12 11.72 27.71
CA UNK I 30 -54.04 14.64 28.94
CA UNK I 31 -55.69 15.58 32.23
CA UNK I 32 -54.81 15.27 35.79
CA UNK I 33 -53.36 16.73 38.86
CA UNK I 34 -53.94 19.99 41.04
CA UNK I 35 -56.61 21.82 39.05
CA UNK I 36 -59.17 21.14 41.78
CA UNK I 37 -59.44 19.03 44.88
CA UNK I 38 -61.48 18.31 48.01
CA UNK I 39 -63.61 16.03 50.14
CA UNK I 40 -66.86 17.58 49.12
CA UNK I 41 -65.82 18.02 45.51
CA UNK I 42 -64.42 14.51 45.22
CA UNK I 43 -67.49 13.03 46.79
CA UNK I 44 -69.80 14.44 44.29
CA UNK I 45 -67.45 14.35 41.36
CA UNK I 46 -66.45 10.80 42.26
CA UNK I 47 -69.71 9.25 41.18
CA UNK I 48 -71.03 11.97 38.89
CA UNK I 49 -68.27 12.55 36.20
CA UNK I 50 -68.15 15.59 33.92
CA UNK I 51 -66.05 17.60 31.47
CA UNK I 52 -64.20 20.56 32.66
CA UNK I 53 -67.38 22.32 31.53
CA UNK I 54 -70.49 20.21 31.06
CA UNK I 55 -71.00 17.18 29.26
CA UNK I 56 -72.55 14.34 31.31
CA UNK I 57 -69.78 12.51 33.21
CA UNK I 58 -70.84 9.22 31.69
CA UNK I 59 -68.03 6.72 31.34
CA UNK I 60 -67.33 6.46 35.13
CA UNK I 61 -69.53 5.42 37.72
CA UNK I 62 -73.17 4.35 37.82
CA UNK I 63 -74.79 2.21 35.08
CA UNK I 64 -73.68 -0.79 36.30
CA UNK I 65 -70.28 -0.80 34.50
CA UNK I 66 -69.02 -4.01 35.97
CA UNK I 67 -66.95 -2.51 39.04
CA UNK I 68 -69.77 -1.22 41.24
CA UNK I 69 -69.81 -2.92 44.68
CA UNK I 70 -69.84 0.07 47.39
CA UNK I 71 -66.65 1.71 48.69
CA UNK I 72 -66.18 4.24 51.49
CA UNK I 73 -63.13 3.91 49.58
CA UNK I 74 -64.20 6.59 47.11
CA UNK I 75 -63.91 8.73 50.24
CA UNK I 76 -61.03 6.62 51.36
CA UNK I 77 -59.46 6.77 47.92
CA UNK I 78 -59.84 10.52 47.70
CA UNK I 79 -58.09 10.99 51.03
CA UNK I 80 -55.20 8.79 49.90
CA UNK I 81 -55.11 10.57 46.59
CA UNK I 82 -54.81 14.05 48.21
CA UNK I 83 -51.94 12.79 50.35
CA UNK I 84 -50.08 10.97 47.60
CA UNK I 85 -50.76 13.33 44.74
CA UNK I 86 -49.46 16.47 46.51
CA UNK I 87 -46.39 14.71 48.09
CA UNK J 1 37.67 -3.51 -4.98
CA UNK J 2 38.09 -2.20 -1.39
CA UNK J 3 41.29 -0.14 -0.90
CA UNK J 4 44.27 2.25 -1.38
CA UNK J 5 46.48 5.23 -1.81
CA UNK J 6 43.61 7.67 -1.30
CA UNK J 7 43.17 8.09 2.44
CA UNK J 8 41.98 11.80 1.69
CA UNK J 9 40.43 10.52 -1.58
CA UNK J 10 38.25 8.23 0.55
CA UNK J 11 37.34 11.19 2.79
CA UNK J 12 36.60 13.56 -0.11
CA UNK J 13 34.33 10.82 -1.55
CA UNK J 14 32.54 10.66 1.82
CA UNK J 15 32.16 14.39 2.28
CA UNK J 16 30.71 15.15 -1.14
CA UNK J 17 28.26 12.33 -0.93
CA UNK J 18 26.40 14.51 1.56
CA UNK J 19 26.59 17.82 -0.30
CA UNK J 20 23.68 16.65 -2.45
CA UNK J 21 22.25 13.98 -0.17
CA UNK J 22 21.68 16.62 2.48
CA UNK J 23 20.81 19.59 0.28
CA UNK J 24 18.08 17.69 -1.49
CA UNK J 25 16.07 17.91 1.71
CA UNK J 26 16.49 21.69 1.78
CA UNK J 27 15.52 22.03 -1.92
CA UNK J 28 12.61 19.55 -1.67
CA UNK J 29 11.11 21.32 1.31
CA UNK J 30 11.03 24.76 -0.33
CA UNK J 31 7.52 25.02 -1.70
CA UNK J 32 26.85 25.96 -0.72
CA UNK J 33 27.44 25.11 -4.41
CA UNK J 34 31.25 25.36 -4.25
CA UNK J 35 31.18 22.68 -1.56
CA UNK J 36 29.04 20.48 -3.83
CA UNK J 37 31.38 21.30 -6.68
CA UNK J 38 34.56 20.52 -4.77
CA UNK J 39 33.11 17.26 -3.67
CA UNK J 40 32.40 16.47 -7.36
CA UNK J 41 35.81 17.54 -8.59
CA UNK J 42 37.61 15.53 -5.77
CA UNK J 43 35.36 12.57 -6.54
CA UNK J 44 37.45 12.20 -9.70
CA UNK J 45 40.36 12.57 -7.45
CA UNK J 46 39.27 9.20 -6.07
CA UNK J 47 37.45 8.00 -9.19
CA UNK J 48 40.43 8.59 -11.41
CA UNK J 49 43.02 7.51 -8.83
CA UNK J 50 41.41 4.12 -8.17
CA UNK J 51 42.52 3.18 -11.65
CA UNK J 52 46.14 4.10 -10.92
CA UNK J 53 45.95 2.20 -7.64
CA UNK J 54 44.21 -0.96 -9.01
CA UNK J 55 46.71 -1.18 -11.85
CA UNK J 56 49.81 -1.17 -9.67
CA UNK J 57 50.22 -4.99 -9.28
CA UNK J 58 48.42 -5.91 -12.52
CA UNK J 59 47.92 -4.67 -16.08
CA UNK J 60 44.84 -3.34 -17.83
CA UNK J 61 45.40 -0.51 -15.56
CA UNK J 62 45.76 2.35 -17.99
CA UNK J 63 42.70 1.23 -19.74
CA UNK J 64 40.89 1.65 -16.43
CA UNK J 65 42.85 4.86 -15.87
CA UNK J 66 42.04 5.65 -19.48
CA UNK J 67 38.40 4.97 -18.62
CA UNK J 68 38.53 7.39 -15.69
CA UNK J 69 39.77 8.46 -19.18
CA UNK J 70 37.87 10.11 -20.32
CA UNK J 71 34.86 9.40 -18.11
CA UNK J 72 36.10 12.15 -16.00
CA UNK J 73 36.51 14.87 -18.74
CA UNK J 74 32.91 15.51 -18.60
CA UNK J 75 32.41 15.54 -14.98
CA UNK J 76 35.47 17.72 -15.47
CA UNK J 77 34.03 19.59 -18.45
CA UNK J 78 31.82 21.49 -16.16
CA UNK J 79 35.04 22.95 -14.78
CA UNK J 80 36.08 24.08 -18.25
CA UNK J 81 32.66 25.56 -19.05
CA UNK J 82 32.26 27.21 -15.64
CA UNK J 83 35.70 28.86 -15.78
CA UNK J 84 34.91 30.48 -19.13
CA UNK J 85 33.74 33.95 -18.25
CA UNK J 86 14.37 16.40 -10.07
CA UNK J 87 17.65 18.21 -10.64
CA UNK J 88 19.12 16.09 -13.37
CA UNK J 89 16.39 17.11 -15.81
CA UNK J 90 17.35 20.73 -15.14
CA UNK J 91 20.96 19.90 -16.07
CA UNK J 92 19.57 18.45 -19.28
CA UNK J 93 17.59 21.62 -19.99
CA UNK J 94 20.65 23.76 -19.36
CA UNK J 95 23.02 21.54 -21.37
CA UNK J 96 20.58 21.12 -24.24
CA UNK J 97 19.91 24.85 -24.37
CA UNK J 98 23.53 25.96 -24.34
CA UNK J 99 24.37 23.47 -27.08
CA UNK J 100 22.77 26.29 -29.12
CA UNK J 101 23.78 23.92 -31.90
CA UNK J 102 31.07 19.46 -35.15
CA UNK J 103 32.97 17.19 -32.70
CA UNK J 104 30.00 16.60 -30.36
CA UNK J 105 28.11 15.19 -33.36
CA UNK J 106 31.05 12.82 -34.11
CA UNK J 107 31.19 12.08 -30.38
CA UNK J 108 27.48 11.31 -30.01
CA UNK J 109 27.71 9.14 -33.16
CA UNK J 110 30.66 7.22 -31.50
CA UNK J 111 28.38 6.78 -28.51
CA UNK J 112 26.12 5.66 -30.97
CA UNK J 113 28.94 3.18 -31.47
CA UNK J 114 28.60 2.19 -27.85
CA UNK J 115 25.16 1.49 -29.00
CA UNK J 116 26.80 -0.80 -31.80
CA UNK J 117 29.21 -2.72 -29.96
CA UNK J 118 27.19 -3.84 -26.80
CA UNK J 119 24.07 -5.01 -28.63
CA UNK J 120 26.91 -6.84 -30.38
CA UNK J 121 28.44 -8.11 -27.19
CA UNK J 122 25.00 -9.40 -26.18
CA UNK J 123 24.22 -10.65 -29.70
CA UNK J 124 27.70 -12.25 -30.13
CA UNK J 125 27.38 -13.87 -26.72
CA UNK J 126 24.07 -15.58 -27.36
CA UNK J 127 25.33 -18.92 -28.66
CA UNK J 128 30.68 -18.20 -34.01
CA UNK J 129 33.00 -15.59 -35.48
CA UNK J 130 32.85 -17.46 -38.76
CA UNK J 131 29.05 -17.21 -38.67
CA UNK J 132 29.12 -13.55 -37.59
CA UNK J 133 31.50 -12.72 -40.46
CA UNK J 134 29.39 -14.31 -43.18
CA UNK J 135 26.17 -13.08 -41.63
CA UNK J 136 27.63 -9.57 -41.53
CA UNK J 137 28.76 -9.83 -45.15
CA UNK J 138 32.46 -8.57 -44.28
CA UNK J 139 35.26 -9.72 -41.98
CA UNK J 140 35.80 -9.66 -38.20
CA UNK J 141 38.93 -10.60 -35.88
CA UNK J 142 39.32 -12.62 -32.71
CA UNK J 143 40.57 -10.85 -29.61
CA UNK J 144 39.48 -7.72 -30.61
CA UNK J 145 36.62 -6.76 -28.28
CA UNK J 146 38.77 -4.47 -26.13
CA UNK J 147 40.17 -2.82 -29.21
CA UNK J 148 36.62 -2.02 -30.27
CA UNK J 149 35.75 -0.84 -26.76
CA UNK J 150 38.75 1.38 -26.39
CA UNK J 151 37.91 2.89 -29.78
CA UNK J 152 34.42 3.69 -28.48
CA UNK J 153 34.84 4.59 -24.77
CA UNK J 154 37.65 6.65 -26.28
CA UNK J 155 35.56 7.94 -29.18
CA UNK J 156 33.91 10.22 -26.57
CA UNK J 157 37.13 11.06 -24.73
CA UNK J 158 37.37 13.83 -27.32
CA UNK J 159 34.01 14.21 -28.81
CA UNK J 160 32.66 14.81 -25.32
CA UNK J 161 35.55 17.07 -24.33
CA UNK J 162 33.73 18.93 -26.61
CA UNK J 163 31.47 20.92 -24.22
CA UNK J 164 34.50 22.27 -22.42
CA UNK J 165 36.35 23.04 -25.60
CA UNK J 166 33.41 24.56 -27.37
CA UNK J 167 32.53 26.96 -24.57
CA UNK J 168 36.09 28.29 -24.46
CA UNK J 169 35.86 31.45 -26.51
CA UNK K 1 12.10 -20.31 -48.13
CA UNK K 2 15.94 -18.38 -48.84
CA UNK K 3 16.94 -15.41 -46.63
CA UNK K 4 20.12 -15.14 -48.71
CA UNK K 5 17.49 -12.42 -48.71
CA UNK K 6 15.63 -11.64 -51.87
CA UNK K 7 15.01 -8.68 -49.54
CA UNK K 8 18.36 -8.02 -48.07
CA UNK K 9 19.75 -7.14 -51.49
CA UNK K 10 16.81 -5.12 -52.61
CA UNK K 11 16.69 -2.90 -49.53
CA UNK K 12 20.42 -2.20 -49.48
CA UNK K 13 19.65 -0.14 -52.56
CA UNK K 14 16.62 1.86 -51.37
CA UNK K 15 18.91 3.82 -49.10
CA UNK K 16 22.11 3.85 -51.20
CA UNK K 17 20.55 5.01 -54.42
CA UNK K 18 18.19 7.49 -52.63
CA UNK K 19 21.19 9.06 -50.91
CA UNK K 20 22.27 10.34 -54.30
CA UNK K 21 18.94 12.04 -54.95
CA UNK K 22 18.76 13.61 -51.52
CA UNK K 23 22.45 14.85 -51.60
CA UNK K 24 21.90 16.38 -55.01
CA UNK K 25 18.86 18.45 -54.06
CA UNK K 26 20.58 21.68 -53.07
CA UNK K 27 6.86 10.36 -51.16
CA UNK K 28 7.65 9.53 -47.51
CA UNK K 29 5.88 6.15 -47.48
CA UNK K 30 8.17 5.08 -50.33
CA UNK K 31 11.20 6.18 -48.29
CA UNK K 32 9.70 4.43 -45.30
CA UNK K 33 9.00 1.18 -47.12
CA UNK K 34 12.47 1.16 -48.46
CA UNK K 35 13.74 1.55 -44.86
CA UNK K 36 11.48 -1.13 -43.43
CA UNK K 37 12.35 -3.78 -45.99
CA UNK K 38 16.11 -3.23 -45.79
CA UNK K 39 15.73 -4.82 -42.37
CA UNK K 40 13.58 -7.87 -43.21
CA UNK K 41 16.58 -9.38 -44.96
CA UNK K 42 19.41 -7.99 -42.81
CA UNK K 43 18.00 -8.96 -39.47
CA UNK K 44 16.69 -12.36 -40.76
CA UNK K 45 20.16 -13.18 -42.05
CA UNK K 46 21.28 -13.38 -38.44
CA UNK K 47 18.59 -15.90 -37.53
CA UNK K 48 19.21 -18.07 -40.57
CA UNK K 49 22.77 -17.95 -40.51
CA UNK K 50 23.01 -20.54 -37.80
CA UNK K 51 21.65 -21.54 -34.41
CA UNK K 52 24.13 -20.11 -32.47
CA UNK K 53 23.48 -19.21 -28.84
CA UNK K 54 25.24 -15.92 -29.73
CA UNK K 55 23.70 -15.17 -33.13
CA UNK K 56 20.25 -16.28 -32.05
CA UNK K 57 20.42 -13.87 -29.08
CA UNK K 58 21.70 -11.20 -31.38
CA UNK K 59 18.99 -11.74 -34.01
CA UNK K 60 16.38 -11.54 -31.28
CA UNK K 61 17.92 -8.23 -30.15
CA UNK K 62 18.45 -6.79 -33.61
CA UNK K 63 14.67 -6.84 -34.21
CA UNK K 64 13.80 -5.31 -30.92
CA UNK K 65 15.99 -2.34 -31.74
CA UNK K 66 15.63 -2.24 -35.54
CA UNK K 67 11.99 -2.55 -35.66
CA UNK K 68 11.31 -0.69 -32.42
CA UNK K 69 13.09 2.43 -33.65
CA UNK K 70 11.73 1.94 -37.33
CA UNK K 71 8.15 1.73 -36.20
CA UNK K 72 8.60 5.18 -34.92
CA UNK K 73 8.91 6.42 -38.40
CA UNK K 74 5.63 4.65 -39.08
CA UNK K 75 3.92 5.03 -35.69
CA UNK K 76 4.78 8.66 -35.17
CA UNK K 77 3.16 9.41 -38.60
CA UNK K 78 -0.39 10.54 -38.32
CA UNK K 79 -1.39 12.25 -41.64
CA UNK K 80 2.34 12.21 -42.26
CA UNK K 81 5.28 14.52 -42.93
CA UNK K 82 7.65 14.87 -45.92
CA UNK K 83 11.34 15.14 -46.72
CA UNK K 84 14.65 13.83 -48.04
CA UNK K 85 17.56 15.81 -46.63
CA UNK K 86 21.00 17.35 -46.49
CA UNK K 87 23.66 17.81 -43.85
CA UNK K 88 22.15 14.79 -41.90
CA UNK K 89 22.01 17.32 -39.12
CA UNK K 90 18.64 19.05 -39.92
CA UNK K 91 16.85 15.71 -39.13
CA UNK K 92 18.65 16.00 -35.71
CA UNK K 93 17.31 19.58 -35.36
CA UNK K 94 13.87 18.16 -35.92
CA UNK K 95 14.42 15.50 -33.28
CA UNK K 96 15.61 18.08 -30.81
CA UNK K 97 12.88 20.61 -31.59
CA UNK K 98 10.14 17.97 -31.61
CA UNK K 99 11.27 16.47 -28.30
CA UNK K 100 11.69 19.69 -26.62
CA UNK K 101 8.33 20.63 -28.14
CA UNK K 102 6.31 17.48 -27.46
CA UNK K 103 7.69 17.35 -24.21
CA UNK K 104 10.89 15.34 -23.90
CA UNK K 105 13.60 15.09 -21.19
CA UNK K 106 11.07 14.40 -18.43
CA UNK K 107 10.60 10.66 -18.31
CA UNK K 108 11.17 7.54 -20.34
CA UNK K 109 14.75 8.12 -19.38
CA UNK K 110 15.25 4.34 -19.02
CA UNK K 111 16.02 4.28 -22.75
CA UNK K 112 17.84 7.68 -23.01
CA UNK K 113 19.89 5.94 -20.34
CA UNK K 114 19.74 2.52 -22.02
CA UNK K 115 22.21 3.84 -24.66
CA UNK K 116 24.21 5.88 -22.17
CA UNK K 117 24.74 2.51 -20.48
CA UNK K 118 26.19 2.08 -23.96
CA UNK K 119 29.36 3.27 -22.22
CA UNK K 120 28.71 0.45 -19.72
CA UNK K 121 28.52 -1.71 -22.67
CA UNK K 122 32.12 -1.79 -23.92
CA UNK K 123 33.48 0.17 -21.09
CA UNK K 124 33.59 -2.38 -18.35
CA UNK K 125 34.58 -5.34 -20.58
CA UNK K 126 37.15 -3.25 -22.49
CA UNK K 127 39.01 -3.78 -19.16
CA UNK K 128 40.22 -7.20 -20.39
CA UNK K 129 42.36 -5.77 -23.21
CA UNK K 130 45.43 -6.56 -21.75
CA UNK K 131 44.16 -5.02 -18.52
CA UNK K 132 43.59 -8.66 -17.61
CA UNK K 133 42.99 -10.69 -20.50
CA UNK K 134 41.35 -14.03 -19.27
CA UNK K 135 41.02 -12.50 -15.81
CA UNK K 136 38.59 -13.69 -13.25
CA UNK K 137 41.20 -12.97 -10.58
CA UNK K 138 41.52 -9.39 -11.78
CA UNK K 139 37.73 -9.02 -12.09
CA UNK K 140 37.28 -10.32 -8.53
CA UNK K 141 39.73 -7.93 -6.91
CA UNK K 142 38.53 -4.95 -8.92
CA UNK K 143 35.00 -5.37 -7.51
CA UNK K 144 32.15 -4.75 -7.61
CA UNK K 145 32.32 -7.68 -10.11
CA UNK K 146 29.50 -10.06 -10.96
CA UNK K 147 28.17 -13.60 -11.41
CA UNK K 148 29.97 -14.58 -14.61
CA UNK K 149 29.91 -13.49 -18.28
CA UNK K 150 26.69 -11.56 -17.92
CA UNK K 151 28.11 -9.06 -20.43
CA UNK K 152 26.07 -10.95 -23.00
CA UNK K 153 23.07 -10.85 -20.67
CA UNK K 154 23.69 -7.18 -19.97
CA UNK K 155 24.15 -6.22 -23.63
CA UNK K 156 20.82 -8.01 -24.34
CA UNK K 157 19.23 -5.98 -21.50
CA UNK K 158 20.76 -2.66 -22.66
CA UNK K 159 19.66 -3.12 -26.28
CA UNK K 160 16.37 -4.63 -25.24
CA UNK K 161 16.01 -2.32 -22.24
CA UNK K 162 16.40 0.97 -24.12
CA UNK K 163 14.05 0.26 -27.04
CA UNK K 164 11.41 -0.93 -24.43
CA UNK K 165 12.00 2.18 -22.35
CA UNK K 166 12.04 4.54 -25.38
CA UNK K 167 10.02 2.50 -27.90
CA UNK K 168 6.96 2.63 -25.67
CA UNK K 169 7.71 6.24 -24.82
CA UNK K 170 8.47 7.18 -28.43
CA UNK K 171 5.29 5.55 -29.74
CA UNK K 172 3.06 7.14 -27.20
CA UNK K 173 4.16 10.70 -28.01
CA UNK K 174 1.56 11.91 -30.46
CA UNK L 1 74.31 14.27 -9.86
CA UNK L 2 76.24 17.56 -9.60
CA UNK L 3 75.39 18.78 -13.12
CA UNK L 4 71.72 18.53 -12.16
CA UNK L 5 72.45 20.57 -8.99
CA UNK L 6 74.47 22.93 -11.18
CA UNK L 7 71.78 23.39 -13.83
CA UNK L 8 69.28 23.93 -11.05
CA UNK L 9 71.49 26.67 -9.92
CA UNK L 10 72.08 28.34 -13.18
CA UNK L 11 68.32 28.57 -13.86
CA UNK L 12 68.21 31.09 -11.09
CA UNK L 13 69.27 33.63 -13.83
CA UNK L 14 65.88 33.42 -15.95
CA UNK L 15 62.79 33.09 -13.68
CA UNK L 16 63.99 36.07 -11.51
CA UNK L 17 64.08 37.92 -14.79
CA UNK L 18 60.51 37.19 -15.71
CA UNK L 19 59.13 38.68 -12.50
CA UNK L 20 60.42 42.09 -13.50
CA UNK L 21 58.57 41.93 -16.80
CA UNK L 22 55.44 40.76 -14.98
CA UNK L 23 55.53 43.35 -12.15
CA UNK L 24 56.11 46.08 -14.71
CA UNK L 25 53.10 45.27 -16.86
CA UNK L 26 50.54 47.55 -15.25
CA UNK L 27 64.49 47.98 -27.99
CA UNK L 28 66.99 46.87 -25.32
CA UNK L 29 64.39 45.34 -22.98
CA UNK L 30 63.38 43.05 -25.84
CA UNK L 31 67.03 42.04 -26.31
CA UNK L 32 67.29 41.64 -22.56
CA UNK L 33 64.17 39.51 -22.21
CA UNK L 34 65.45 37.42 -24.99
CA UNK L 35 68.66 36.85 -23.14
CA UNK L 36 67.12 36.39 -19.74
CA UNK L 37 65.44 33.37 -20.73
CA UNK L 38 68.26 32.34 -23.15
CA UNK L 39 70.01 30.77 -20.17
CA UNK L 40 67.15 28.90 -18.52
CA UNK L 41 67.26 26.45 -21.39
CA UNK L 42 70.99 26.49 -22.21
CA UNK L 43 72.25 25.97 -18.71
CA UNK L 44 69.46 23.44 -17.85
CA UNK L 45 70.42 21.38 -20.89
CA UNK L 46 73.65 20.56 -19.11
CA UNK L 47 71.88 19.26 -16.03
CA UNK L 48 69.39 17.20 -18.00
CA UNK L 49 72.09 15.69 -20.35
CA UNK L 50 74.22 14.76 -17.36
CA UNK L 51 71.53 12.83 -15.52
CA UNK L 52 72.20 9.34 -16.88
CA UNK L 53 72.16 5.48 -40.04
CA UNK L 54 72.67 8.08 -42.79
CA UNK L 55 68.98 8.96 -43.17
CA UNK L 56 68.96 9.91 -39.49
CA UNK L 57 72.00 12.15 -40.07
CA UNK L 58 70.29 13.50 -43.15
CA UNK L 59 66.99 14.22 -41.45
CA UNK L 60 68.79 15.97 -38.68
CA UNK L 61 70.52 18.13 -41.34
CA UNK L 62 67.35 18.87 -43.27
CA UNK L 63 65.31 19.96 -40.27
CA UNK L 64 68.01 22.22 -38.82
CA UNK L 65 67.17 24.41 -41.80
CA UNK L 66 63.36 24.47 -41.65
CA UNK L 67 63.62 26.63 -38.55
CA UNK L 68 66.80 28.59 -39.34
CA UNK L 69 65.82 29.69 -42.79
CA UNK L 70 62.15 30.33 -41.81
CA UNK L 71 63.31 32.59 -38.99
CA UNK L 72 64.49 35.01 -41.65
CA UNK L 73 61.10 35.14 -43.33
CA UNK L 74 59.20 35.56 -40.09
CA UNK L 75 61.61 38.29 -38.72
CA UNK L 76 61.32 40.20 -41.98
CA UNK L 77 57.54 40.38 -42.03
CA UNK L 78 57.03 43.69 -40.24
CA UNK L 79 48.77 41.53 -48.78
CA UNK L 80 48.80 40.68 -45.05
CA UNK L 81 47.52 37.09 -45.48
CA UNK L 82 50.53 36.43 -47.72
CA UNK L 83 52.83 37.82 -45.01
CA UNK L 84 50.93 35.77 -42.48
CA UNK L 85 51.09 32.54 -44.43
CA UNK L 86 54.77 32.85 -44.81
CA UNK L 87 55.34 33.75 -41.14
CA UNK L 88 53.85 31.09 -38.92
CA UNK L 89 54.45 28.47 -41.53
CA UNK L 90 58.21 28.92 -41.73
CA UNK L 91 58.16 27.33 -38.29
CA UNK L 92 55.82 24.35 -38.88
CA UNK L 93 58.50 22.74 -41.00
CA UNK L 94 61.64 23.98 -39.21
CA UNK L 95 60.68 22.97 -35.79
CA UNK L 96 59.00 19.74 -36.88
CA UNK L 97 62.27 18.66 -38.54
CA UNK L 98 63.80 18.38 -35.13
CA UNK L 99 61.02 16.11 -33.87
CA UNK L 100 61.32 14.01 -37.03
CA UNK L 101 65.18 13.76 -37.07
CA UNK L 102 65.21 12.77 -33.42
CA UNK L 103 62.82 9.84 -33.76
CA UNK L 104 65.33 7.04 -34.37
CA UNK L 105 61.46 1.82 -17.98
CA UNK L 106 62.05 4.94 -15.85
CA UNK L 107 63.08 7.21 -18.76
CA UNK L 108 59.68 6.47 -20.33
CA UNK L 109 57.97 7.44 -17.06
CA UNK L 110 60.20 10.48 -16.91
CA UNK L 111 59.55 11.59 -20.47
CA UNK L 112 55.93 11.18 -19.78
CA UNK L 113 56.18 13.48 -16.83
CA UNK L 114 58.48 15.98 -18.42
CA UNK L 115 55.90 17.02 -20.72
CA UNK L 116 52.99 16.15 -18.45
CA UNK L 117 53.70 19.52 -16.84
CA UNK L 118 54.10 21.19 -20.19
CA UNK L 119 50.40 20.69 -20.78
CA UNK L 120 49.08 20.95 -17.20
CA UNK L 121 50.74 24.13 -16.29
CA UNK L 122 50.28 25.70 -19.72
CA UNK L 123 46.52 25.15 -19.41
CA UNK L 124 46.47 27.70 -16.66
CA UNK L 125 48.23 30.30 -18.79
CA UNK L 126 45.85 29.55 -21.65
CA UNK L 127 42.59 29.54 -19.58
CA UNK L 128 43.56 32.82 -17.95
CA UNK L 129 44.09 34.75 -21.16
CA UNK L 130 40.60 36.19 -21.62
CA UNK L 131 40.31 34.26 -33.19
CA UNK L 132 40.93 33.69 -29.46
CA UNK L 133 38.60 30.67 -29.15
CA UNK L 134 40.70 28.95 -31.82
CA UNK L 135 43.86 29.74 -29.81
CA UNK L 136 42.05 28.56 -26.71
CA UNK L 137 40.82 25.32 -28.22
CA UNK L 138 44.32 24.63 -29.42
CA UNK L 139 45.52 25.29 -25.87
CA UNK L 140 43.00 22.94 -24.26
CA UNK L 141 43.48 20.72 -27.23
CA UNK L 142 47.21 20.36 -26.58
CA UNK L 143 46.21 19.54 -23.02
CA UNK L 144 43.42 17.18 -23.53
CA UNK L 145 45.80 14.46 -24.68
CA UNK L 146 48.89 15.98 -23.08
CA UNK L 147 47.72 14.38 -20.40
CA UNK L 148 46.89 10.84 -21.54
CA UNK L 149 50.48 9.92 -22.31
CA UNK L 150 51.39 10.66 -18.75
CA UNK L 151 48.75 8.24 -17.47
CA UNK L 152 49.91 5.66 -20.01
CA UNK L 153 53.69 6.05 -19.42
CA UNK L 154 53.15 5.74 -15.68
CA UNK L 155 51.27 2.45 -15.81
CA UNK L 156 54.19 0.05 -15.42
CA UNK M 1 -1.03 -37.95 -42.16
CA UNK M 2 -4.66 -38.28 -43.33
CA UNK M 3 -6.22 -36.81 -40.17
CA UNK M 4 -4.18 -33.65 -40.80
CA UNK M 5 -5.50 -33.53 -44.37
CA UNK M 6 -8.96 -34.21 -43.00
CA UNK M 7 -8.82 -31.54 -40.32
CA UNK M 8 -7.50 -29.11 -42.98
CA UNK M 9 -10.60 -30.04 -44.95
CA UNK M 10 -13.19 -29.69 -42.15
CA UNK M 11 -11.60 -26.29 -41.35
CA UNK M 12 -13.33 -25.78 -44.72
CA UNK M 13 -16.29 -24.60 -42.64
CA UNK M 14 -14.15 -22.06 -40.58
CA UNK M 15 -13.60 -19.93 -43.68
CA UNK M 16 -16.73 -20.87 -45.63
CA UNK M 17 -17.66 -19.08 -42.62
CA UNK M 18 -15.61 -16.03 -43.50
CA UNK M 19 -16.92 -15.86 -47.05
CA UNK M 20 -20.27 -14.95 -45.57
CA UNK M 21 -18.82 -12.08 -43.56
CA UNK M 22 -16.93 -10.88 -46.64
CA UNK M 23 -19.88 -11.18 -49.13
CA UNK M 24 -22.16 -9.32 -46.75
CA UNK M 25 -19.95 -6.27 -46.34
CA UNK M 26 -21.35 -4.09 -49.11
CA UNK M 27 -29.07 -11.05 -36.47
CA UNK M 28 -28.40 -14.25 -38.46
CA UNK M 29 -25.20 -13.00 -40.14
CA UNK M 30 -23.76 -12.46 -36.67
CA UNK M 31 -24.69 -16.03 -35.71
CA UNK M 32 -23.26 -17.17 -39.02
CA UNK M 33 -20.00 -15.30 -38.67
CA UNK M 34 -19.72 -16.73 -35.26
CA UNK M 35 -20.07 -20.20 -36.64
CA UNK M 36 -17.90 -19.68 -39.67
CA UNK M 37 -14.94 -19.19 -37.67
CA UNK M 38 -16.12 -21.65 -34.95
CA UNK M 39 -14.64 -24.44 -37.06
CA UNK M 40 -11.27 -22.95 -37.99
CA UNK M 41 -10.19 -23.47 -34.41
CA UNK M 42 -12.15 -26.63 -33.53
CA UNK M 43 -11.15 -28.65 -36.53
CA UNK M 44 -7.52 -27.35 -36.49
CA UNK M 45 -7.21 -28.42 -32.86
CA UNK M 46 -7.39 -31.99 -34.07
CA UNK M 47 -4.53 -31.55 -36.50
CA UNK M 48 -2.32 -29.76 -34.00
CA UNK M 49 -3.03 -32.31 -31.15
CA UNK M 50 -2.23 -35.18 -33.50
CA UNK M 51 1.17 -33.91 -34.57
CA UNK M 52 3.34 -35.64 -31.98
CA UNK M 53 -6.12 -34.56 -12.57
CA UNK M 54 -7.74 -32.45 -9.83
CA UNK M 55 -6.30 -29.10 -11.02
CA UNK M 56 -8.02 -29.73 -14.36
CA UNK M 57 -11.33 -30.36 -12.53
CA UNK M 58 -10.63 -27.31 -10.42
CA UNK M 59 -9.82 -25.02 -13.33
CA UNK M 60 -12.95 -26.15 -15.10
CA UNK M 61 -14.92 -25.23 -11.95
CA UNK M 62 -13.24 -21.86 -11.49
CA UNK M 63 -13.82 -20.66 -15.10
CA UNK M 64 -17.43 -21.93 -15.13
CA UNK M 65 -17.99 -18.87 -12.87
CA UNK M 66 -16.47 -16.56 -15.27
CA UNK M 67 -19.38 -16.92 -17.70
CA UNK M 68 -21.04 -16.34 -14.32
CA UNK M 69 -18.70 -13.59 -13.65
CA UNK M 70 -19.88 -11.84 -16.85
CA UNK M 71 -23.56 -12.44 -16.18
CA UNK M 72 -23.27 -9.92 -13.39
CA UNK M 73 -21.85 -7.32 -15.77
CA UNK M 74 -24.58 -8.15 -18.28
CA UNK M 75 -27.53 -8.14 -15.79
CA UNK M 76 -26.33 -4.82 -14.40
CA UNK M 77 -26.24 -2.98 -17.71
CA UNK M 78 -29.76 -1.53 -17.72
CA UNK M 79 -21.22 4.76 -12.80
CA UNK M 80 -20.41 3.08 -16.13
CA UNK M 81 -16.65 2.75 -15.48
CA UNK M 82 -17.52 0.73 -12.38
CA UNK M 83 -19.76 -1.53 -14.48
CA UNK M 84 -17.01 -1.69 -17.06
CA UNK M 85 -14.26 -2.55 -14.61
CA UNK M 86 -16.39 -5.24 -13.14
CA UNK M 87 -16.83 -6.65 -16.68
CA UNK M 88 -13.16 -6.43 -17.57
CA UNK M 89 -11.90 -8.17 -14.45
CA UNK M 90 -14.41 -11.03 -14.61
CA UNK M 91 -12.34 -12.10 -17.60
CA UNK M 92 -8.80 -11.81 -16.20
CA UNK M 93 -9.51 -14.83 -14.03
CA UNK M 94 -11.88 -16.78 -16.31
CA UNK M 95 -9.76 -16.67 -19.40
CA UNK M 96 -6.47 -17.18 -17.46
CA UNK M 97 -7.93 -20.31 -15.87
CA UNK M 98 -7.80 -21.91 -19.28
CA UNK M 99 -4.11 -21.17 -19.73
CA UNK M 100 -3.18 -22.36 -16.25
CA UNK M 101 -5.29 -25.61 -16.52
CA UNK M 102 -3.71 -26.39 -19.87
CA UNK M 103 -0.12 -26.15 -18.71
CA UNK M 104 0.49 -29.78 -17.76
CA UNK M 105 9.49 -28.39 -30.10
CA UNK M 106 7.15 -27.58 -33.02
CA UNK M 107 4.03 -27.02 -30.88
CA UNK M 108 5.97 -24.31 -29.04
CA UNK M 109 6.86 -22.68 -32.36
CA UNK M 110 3.27 -23.12 -33.42
CA UNK M 111 1.78 -21.62 -30.28
CA UNK M 112 4.13 -18.79 -30.69
CA UNK M 113 2.86 -18.17 -34.16
CA UNK M 114 -0.78 -18.73 -33.40
CA UNK M 115 -0.90 -15.76 -31.37
CA UNK M 116 1.87 -13.92 -33.21
CA UNK M 117 -0.85 -13.03 -35.71
CA UNK M 118 -3.30 -12.17 -32.95
CA UNK M 119 -1.16 -9.18 -32.10
CA UNK M 120 0.22 -8.29 -35.56
CA UNK M 121 -3.01 -8.24 -37.37
CA UNK M 122 -4.94 -6.70 -34.47
CA UNK M 123 -2.51 -3.76 -34.47
CA UNK M 124 -3.88 -2.75 -37.82
CA UNK M 125 -7.46 -2.74 -36.55
CA UNK M 126 -6.36 -0.77 -33.49
CA UNK M 127 -4.17 1.82 -35.35
CA UNK M 128 -6.94 2.45 -37.85
CA UNK M 129 -9.62 3.30 -35.30
CA UNK M 130 -9.15 7.07 -35.12
CA UNK M 131 -9.60 9.17 -24.45
CA UNK M 132 -8.52 7.77 -27.84
CA UNK M 133 -4.76 8.19 -27.25
CA UNK M 134 -5.13 5.97 -24.18
CA UNK M 135 -6.91 3.35 -26.33
CA UNK M 136 -4.24 3.84 -28.96
CA UNK M 137 -1.32 3.48 -26.58
CA UNK M 138 -2.94 0.36 -25.20
CA UNK M 139 -3.20 -0.89 -28.78
CA UNK M 140 0.45 -0.21 -29.62
CA UNK M 141 1.24 -1.17 -26.06
CA UNK M 142 -0.11 -4.68 -26.61
CA UNK M 143 1.82 -4.89 -29.88
CA UNK M 144 5.11 -3.57 -28.62
CA UNK M 145 5.76 -6.70 -26.55
CA UNK M 146 3.33 -8.90 -28.47
CA UNK M 147 6.07 -9.11 -30.74
CA UNK M 148 9.09 -9.98 -28.60
CA UNK M 149 7.77 -13.37 -27.54
CA UNK M 150 7.48 -14.32 -31.17
CA UNK M 151 11.15 -13.51 -31.71
CA UNK M 152 12.02 -15.39 -28.52
CA UNK M 153 9.84 -18.47 -29.17
CA UNK M 154 11.32 -18.74 -32.65
CA UNK M 155 14.96 -18.76 -31.55
CA UNK N 1 39.78 -7.52 -47.35
CA UNK N 2 41.81 -9.03 -50.24
CA UNK N 3 44.05 -8.99 -53.36
CA UNK N 4 43.58 -9.02 -57.18
CA UNK N 5 44.92 -5.51 -56.23
CA UNK N 6 47.87 -6.16 -58.52
CA UNK N 7 45.59 -6.18 -61.58
CA UNK N 8 47.12 -4.30 -64.61
CA UNK N 9 45.28 -5.23 -67.63
CA UNK N 10 42.05 -5.09 -65.65
CA UNK N 11 43.07 -1.95 -63.78
CA UNK N 12 44.09 -0.06 -66.94
CA UNK N 13 40.65 -0.99 -68.40
CA UNK N 14 38.97 0.38 -64.95
CA UNK N 15 41.36 3.36 -64.70
CA UNK N 16 40.13 4.14 -68.13
CA UNK N 17 36.56 3.55 -67.24
CA UNK N 18 36.85 5.13 -63.79
CA UNK N 19 37.13 8.35 -65.78
CA UNK N 20 34.12 7.92 -68.21
CA UNK N 21 31.68 7.60 -65.21
CA UNK N 22 33.30 10.75 -63.86
CA UNK N 23 32.93 12.17 -67.21
CA UNK N 24 29.30 11.18 -67.09
CA UNK N 25 28.89 13.36 -63.95
CA UNK N 26 29.99 16.66 -65.53
CA UNK N 27 27.90 16.37 -68.69
CA UNK N 28 24.75 15.90 -66.61
CA UNK N 29 25.08 18.87 -64.32
CA UNK N 30 26.13 21.13 -67.19
CA UNK N 31 22.65 20.40 -68.57
CA UNK N 32 19.51 17.99 -67.43
CA UNK N 33 17.33 16.72 -64.58
CA UNK N 34 13.97 16.22 -62.92
CA UNK N 35 14.10 19.07 -60.46
CA UNK N 36 15.94 22.29 -59.67
CA UNK N 37 15.79 26.05 -59.11
CA UNK N 38 18.79 28.35 -59.60
CA UNK N 39 16.28 30.61 -61.38
CA UNK N 40 13.37 30.49 -58.96
CA UNK O 1 30.81 -19.20 -63.02
CA UNK O 2 28.67 -16.19 -61.99
CA UNK O 3 31.52 -13.67 -62.51
CA UNK O 4 29.19 -13.37 -59.42
CA UNK O 5 28.69 -11.54 -56.08
CA UNK O 6 31.69 -9.26 -56.62
CA UNK O 7 30.15 -7.92 -59.82
CA UNK O 8 26.82 -7.28 -58.05
CA UNK O 9 28.83 -5.62 -55.27
CA UNK O 10 30.86 -3.37 -57.55
CA UNK O 11 27.68 -2.39 -59.29
CA UNK O 12 26.13 -1.25 -56.05
CA UNK O 13 28.96 0.51 -54.30
CA UNK O 14 31.45 1.84 -57.20
CA UNK O 15 28.91 3.23 -59.68
CA UNK O 16 27.46 4.93 -56.80
CA UNK O 17 30.85 6.58 -55.73
CA UNK O 18 32.07 7.93 -59.06
CA UNK O 19 28.71 9.24 -60.23
CA UNK O 20 27.69 10.37 -56.87
CA UNK O 21 31.08 12.07 -57.04
CA UNK O 22 29.99 14.12 -60.04
CA UNK O 23 27.86 15.27 -57.25
CA UNK O 24 31.15 16.96 -56.37
CA UNK O 25 32.00 17.81 -59.98
CA UNK O 26 28.51 19.28 -60.86
CA UNK O 27 28.61 21.37 -57.71
CA UNK O 28 31.96 22.99 -58.37
CA UNK O 29 30.94 26.23 -60.20
CA UNK O 30 27.42 27.11 -60.59
CA UNK P 1 57.65 2.21 -2.97
CA UNK P 2 56.77 5.57 -4.57
CA UNK P 3 52.99 5.26 -4.05
CA UNK P 4 53.67 4.91 -0.32
CA UNK P 5 55.79 8.07 -0.42
CA UNK P 6 53.08 9.75 -2.42
CA UNK P 7 50.19 8.68 -0.17
CA UNK P 8 52.26 9.98 2.73
CA UNK P 9 52.54 13.24 0.91
CA UNK P 10 48.89 13.63 -0.11
CA UNK P 11 47.46 12.93 3.33
CA UNK P 12 49.87 15.33 5.03
CA UNK P 13 47.64 17.98 3.55
CA UNK P 14 44.26 16.50 4.11
CA UNK P 15 44.46 17.94 7.58
CA UNK P 16 47.04 20.60 7.19
CA UNK P 17 44.87 22.41 4.67
CA UNK P 18 41.57 21.56 6.33
CA UNK P 19 42.61 23.09 9.66
CA UNK P 20 42.44 26.40 7.98
CA UNK P 21 38.90 25.87 6.86
CA UNK P 22 37.88 24.71 10.30
CA UNK P 23 39.73 27.38 12.16
CA UNK P 24 38.15 30.17 10.06
CA UNK P 25 34.67 29.04 10.73
CA UNK P 26 33.52 31.22 13.57
CA UNK P 27 32.61 -11.45 2.23
CA UNK P 28 31.95 -9.05 -0.68
CA UNK P 29 28.24 -9.92 -1.07
CA UNK P 30 27.77 -8.86 2.56
CA UNK P 31 29.51 -5.57 1.83
CA UNK P 32 27.41 -5.21 -1.28
CA UNK P 33 24.08 -6.03 0.40
CA UNK P 34 25.02 -3.46 3.02
CA UNK P 35 25.56 -0.99 0.25
CA UNK P 36 22.38 -1.70 -1.74
CA UNK P 37 20.03 -1.48 1.24
CA UNK P 38 21.57 1.76 2.46
CA UNK P 39 19.68 3.29 -0.42
CA UNK P 40 16.43 1.45 -0.23
CA UNK P 41 15.41 3.96 2.38
CA UNK P 42 17.75 6.79 1.69
CA UNK P 43 16.29 7.21 -1.80
CA UNK P 44 12.74 6.32 -0.82
CA UNK P 45 12.56 9.03 1.84
CA UNK P 46 12.62 11.51 -0.95
CA UNK P 47 9.65 9.94 -2.65
CA UNK P 48 7.74 9.82 0.59
CA UNK P 49 8.66 13.25 1.72
CA UNK P 50 7.57 14.83 -1.60
CA UNK P 51 4.17 13.32 -1.47
CA UNK P 52 2.01 16.05 -0.05
CA UNK P 53 25.16 -18.47 -4.91
CA UNK P 54 25.23 -16.17 -7.96
CA UNK P 55 21.45 -16.20 -8.54
CA UNK P 56 21.04 -14.85 -5.02
CA UNK P 57 23.53 -12.09 -5.79
CA UNK P 58 21.74 -11.45 -9.03
CA UNK P 59 18.22 -11.39 -7.55
CA UNK P 60 19.59 -8.94 -4.99
CA UNK P 61 20.83 -6.84 -7.84
CA UNK P 62 17.69 -6.93 -9.99
CA UNK P 63 15.29 -6.01 -7.20
CA UNK P 64 17.47 -3.12 -6.02
CA UNK P 65 16.12 -1.39 -9.10
CA UNK P 66 12.53 -2.43 -9.03
CA UNK P 67 12.00 0.41 -6.61
CA UNK P 68 14.95 2.58 -7.29
CA UNK P 69 13.81 3.10 -10.87
CA UNK P 70 10.11 3.11 -10.10
CA UNK P 71 10.41 5.95 -7.59
CA UNK P 72 11.19 8.17 -10.48
CA UNK P 73 8.03 7.21 -12.29
CA UNK P 74 5.97 7.72 -9.18
CA UNK P 75 7.60 10.93 -8.17
CA UNK P 76 7.06 12.50 -11.62
CA UNK P 77 3.41 11.80 -11.63
CA UNK P 78 1.87 15.04 -10.49
CA UNK P 79 16.08 -23.64 -0.23
CA UNK P 80 16.17 -21.55 -3.44
CA UNK P 81 12.38 -21.28 -3.83
CA UNK P 82 12.29 -19.66 -0.38
CA UNK P 83 14.96 -17.20 -1.47
CA UNK P 84 13.04 -16.62 -4.65
CA UNK P 85 9.64 -16.13 -3.00
CA UNK P 86 11.37 -13.66 -0.69
CA UNK P 87 12.61 -11.87 -3.73
CA UNK P 88 9.35 -11.80 -5.71
CA UNK P 89 7.21 -10.49 -2.87
CA UNK P 90 9.70 -7.75 -2.02
CA UNK P 91 8.34 -6.10 -5.12
CA UNK P 92 4.68 -6.80 -4.80
CA UNK P 93 4.53 -3.78 -2.56
CA UNK P 94 7.62 -1.94 -3.54
CA UNK P 95 6.34 -1.55 -7.08
CA UNK P 96 2.69 -1.15 -6.12
CA UNK P 97 3.40 1.81 -3.83
CA UNK P 98 4.18 3.75 -6.91
CA UNK P 99 0.86 2.98 -8.48
CA UNK P 100 -0.96 3.88 -5.31
CA UNK P 101 0.99 6.98 -4.60
CA UNK P 102 0.40 8.37 -8.14
CA UNK P 103 -3.29 8.01 -7.90
CA UNK P 104 -4.48 11.44 -6.91
CA UNK P 105 68.32 4.36 -51.19
CA UNK P 106 67.87 7.22 -48.69
CA UNK P 107 70.92 9.21 -49.84
CA UNK P 108 69.38 9.31 -53.32
CA UNK P 109 66.13 10.60 -51.83
CA UNK P 110 68.11 13.08 -49.80
CA UNK P 111 70.29 14.32 -52.69
CA UNK P 112 67.06 14.77 -54.62
CA UNK P 113 65.77 16.85 -51.78
CA UNK P 114 68.85 19.02 -51.23
CA UNK P 115 69.29 19.97 -54.89
CA UNK P 116 65.62 20.86 -55.28
CA UNK P 117 66.57 23.94 -53.34
CA UNK P 118 69.87 24.81 -54.85
CA UNK P 119 67.90 26.54 -57.56
CA UNK P 120 64.62 27.11 -55.90
CA UNK P 121 66.26 29.28 -53.27
CA UNK P 122 68.83 30.81 -55.59
CA UNK P 123 66.19 32.11 -58.01
CA UNK P 124 65.20 34.51 -55.33
CA UNK P 125 68.69 35.88 -55.01
CA UNK P 126 69.02 36.23 -58.74
CA UNK P 127 65.62 37.69 -59.28
CA UNK P 128 66.16 40.38 -56.61
CA UNK P 129 69.33 41.59 -58.14
CA UNK P 130 68.29 44.56 -60.19
CA UNK P 131 81.46 5.05 -52.81
CA UNK P 132 80.85 7.65 -55.55
CA UNK P 133 77.32 8.60 -54.41
CA UNK P 134 78.83 9.54 -51.04
CA UNK P 135 81.40 11.70 -52.79
CA UNK P 136 78.65 13.17 -54.90
CA UNK P 137 76.25 13.86 -52.02
CA UNK P 138 79.18 15.56 -50.30
CA UNK P 139 79.63 17.66 -53.37
CA UNK P 140 75.98 18.62 -53.92
CA UNK P 141 75.33 19.70 -50.33
CA UNK P 142 78.49 21.81 -50.20
CA UNK P 143 76.51 24.19 -52.35
CA UNK P 144 73.14 24.04 -50.72
CA UNK P 145 74.46 26.57 -48.26
CA UNK P 146 77.33 28.06 -50.15
CA UNK P 147 74.98 29.30 -52.85
CA UNK P 148 72.10 30.09 -50.53
CA UNK P 149 74.20 32.41 -48.36
CA UNK P 150 74.25 34.75 -51.27
CA UNK P 151 70.50 34.82 -51.52
CA UNK P 152 70.16 35.39 -47.82
CA UNK P 153 72.86 37.95 -47.57
CA UNK P 154 71.38 40.04 -50.42
CA UNK P 155 68.02 40.25 -48.83
CA UNK P 156 68.04 43.58 -47.08
CA UNK P 157 54.01 -3.21 -56.36
CA UNK P 158 52.76 -1.87 -53.01
CA UNK P 159 53.89 1.74 -53.58
CA UNK P 160 51.70 1.77 -56.71
CA UNK P 161 48.77 0.51 -54.65
CA UNK P 162 49.57 3.09 -52.03
CA UNK P 163 49.95 6.02 -54.44
CA UNK P 164 46.61 4.97 -55.89
CA UNK P 165 45.18 5.12 -52.41
CA UNK P 166 46.67 8.48 -51.36
CA UNK P 167 45.60 10.36 -54.48
CA UNK P 168 42.04 9.01 -54.31
CA UNK P 169 41.68 11.47 -51.47
CA UNK P 170 43.52 14.43 -52.82
CA UNK P 171 40.32 15.30 -54.62
CA UNK P 172 37.77 13.42 -52.65
CA UNK P 173 38.62 15.42 -49.54
CA UNK P 174 39.31 18.66 -51.36
CA UNK P 175 35.87 18.73 -53.00
CA UNK P 176 34.48 19.36 -49.60
CA UNK P 177 36.67 22.36 -49.05
CA UNK P 178 35.80 23.74 -52.45
CA UNK P 179 32.13 23.04 -52.23
CA UNK P 180 31.82 24.78 -48.83
CA UNK P 181 33.37 27.94 -50.05
CA UNK P 182 30.44 30.13 -50.88
CA UNK P 183 67.44 -5.16 -53.33
CA UNK P 184 65.67 -3.04 -50.68
CA UNK P 185 67.53 0.20 -51.48
CA UNK P 186 66.22 -0.08 -55.04
CA UNK P 187 62.70 -0.53 -53.70
CA UNK P 188 63.27 2.38 -51.38
CA UNK P 189 64.75 4.72 -54.02
CA UNK P 190 61.72 3.86 -56.14
CA UNK P 191 59.55 4.86 -53.25
CA UNK P 192 61.30 8.13 -52.36
CA UNK P 193 61.38 9.51 -55.89
CA UNK P 194 57.71 8.69 -56.49
CA UNK P 195 57.10 11.67 -54.27
CA UNK P 196 59.71 14.06 -55.50
CA UNK P 197 57.26 14.97 -58.22
CA UNK P 198 54.02 13.85 -56.75
CA UNK P 199 54.41 16.28 -53.86
CA UNK P 200 56.09 19.01 -55.90
CA UNK P 201 53.23 19.21 -58.40
CA UNK P 202 51.18 20.65 -55.64
CA UNK P 203 53.66 23.40 -54.99
CA UNK P 204 53.92 24.19 -58.66
CA UNK P 205 50.24 24.03 -59.34
CA UNK P 206 49.42 26.42 -56.46
CA UNK P 207 51.76 29.06 -57.67
CA UNK P 208 49.55 31.42 -59.60
CA UNK P 209 20.14 -22.51 -62.14
CA UNK P 210 20.59 -18.72 -61.85
CA UNK P 211 18.44 -17.84 -64.89
CA UNK P 212 15.56 -19.67 -63.21
CA UNK P 213 16.13 -17.64 -60.05
CA UNK P 214 16.35 -14.52 -62.16
CA UNK P 215 13.22 -15.22 -64.23
CA UNK P 216 11.45 -15.82 -60.94
CA UNK P 217 12.65 -12.46 -59.80
CA UNK P 218 11.79 -10.47 -62.95
CA UNK P 219 8.24 -11.77 -63.25
CA UNK P 220 7.49 -11.12 -59.58
CA UNK P 221 7.34 -7.52 -60.67
CA UNK P 222 5.50 -7.80 -63.92
CA UNK P 223 2.34 -7.82 -61.88
CA UNK P 224 3.48 -6.28 -58.68
CA UNK P 225 4.36 -3.06 -60.47
CA UNK P 226 1.53 -3.22 -62.97
CA UNK P 227 -1.15 -3.41 -60.26
CA UNK P 228 -0.27 0.12 -59.42
CA UNK P 229 -0.85 1.29 -62.95
CA UNK P 230 -4.14 -0.54 -63.12
CA UNK P 231 -5.34 0.49 -59.74
CA UNK P 232 -4.67 4.20 -60.44
CA UNK P 233 -6.69 4.20 -63.57
CA UNK P 234 -10.04 5.53 -62.49
CA UNK P 235 1.48 -34.18 -52.26
CA UNK P 236 3.79 -31.14 -52.08
CA UNK P 237 2.34 -29.37 -55.14
CA UNK P 238 -1.04 -29.43 -53.39
CA UNK P 239 0.54 -27.89 -50.30
CA UNK P 240 2.27 -25.38 -52.50
CA UNK P 241 -0.81 -24.44 -54.55
CA UNK P 242 -2.59 -23.97 -51.22
CA UNK P 243 0.18 -21.66 -50.21
CA UNK P 244 0.40 -19.59 -53.40
CA UNK P 245 -3.32 -18.91 -53.65
CA UNK P 246 -3.58 -17.88 -50.00
CA UNK P 247 -1.90 -14.72 -51.20
CA UNK P 248 -3.67 -14.11 -54.44
CA UNK P 249 -6.36 -12.47 -52.38
CA UNK P 250 -6.17 -12.19 -49.36
CA UNK P 251 -2.98 -10.17 -49.66
CA UNK P 252 -4.28 -7.80 -52.31
CA UNK P 253 -7.24 -6.70 -50.17
CA UNK P 254 -4.76 -5.01 -47.96
CA UNK P 255 -3.30 -3.03 -50.79
CA UNK P 256 -6.73 -2.03 -52.00
CA UNK P 257 -8.10 -1.23 -48.64
CA UNK P 258 -5.15 1.06 -47.77
CA UNK P 259 -5.56 3.12 -50.85
CA UNK P 260 -7.55 6.10 -49.70
CA UNK P 261 53.41 -5.17 -43.66
CA UNK P 262 55.27 -2.43 -41.76
CA UNK P 263 57.33 -1.22 -44.76
CA UNK P 264 54.04 -0.54 -46.56
CA UNK P 265 52.82 1.45 -43.57
CA UNK P 266 56.14 3.23 -43.47
CA UNK P 267 56.29 4.02 -47.20
CA UNK P 268 52.77 5.39 -46.82
CA UNK P 269 54.04 7.56 -44.04
CA UNK P 270 57.20 8.85 -45.75
CA UNK P 271 55.62 10.55 -48.13
CA UNK P 272 52.60 11.37 -45.97
CA UNK P 273 54.56 14.47 -45.12
CA UNK P 274 55.99 15.40 -48.45
CA UNK P 275 52.69 17.09 -49.14
CA UNK P 276 51.34 17.59 -45.70
CA UNK P 277 54.30 19.82 -44.81
CA UNK P 278 54.64 21.38 -48.24
CA UNK P 279 51.03 22.62 -48.27
CA UNK P 280 52.05 25.01 -45.60
CA UNK P 281 54.84 26.44 -47.66
CA UNK P 282 52.59 26.79 -50.66
CA UNK P 283 49.67 28.19 -48.79
CA UNK P 284 51.81 30.90 -47.13
CA UNK P 285 53.15 32.16 -50.37
CA UNK P 286 50.94 35.11 -51.18
CA UNK P 287 42.41 -14.99 -71.95
CA UNK P 288 42.87 -11.71 -70.04
CA UNK P 289 43.45 -9.54 -73.14
CA UNK P 290 40.04 -10.68 -74.39
CA UNK P 291 38.50 -9.68 -71.05
CA UNK P 292 40.37 -6.42 -71.24
CA UNK P 293 39.42 -5.61 -74.84
CA UNK P 294 35.84 -6.32 -73.82
CA UNK P 295 36.26 -3.85 -71.03
CA UNK P 296 37.93 -1.05 -73.01
CA UNK P 297 35.31 -0.40 -74.96
CA UNK P 298 32.74 -1.35 -72.32
CA UNK P 299 32.93 2.31 -71.41
CA UNK P 300 33.06 3.90 -74.80
CA UNK P 301 29.30 3.60 -74.83
CA UNK P 302 28.51 3.26 -71.20
CA UNK P 303 29.98 6.69 -70.50
CA UNK P 304 28.85 8.25 -73.75
CA UNK P 305 25.19 7.40 -73.14
CA UNK P 306 25.27 9.92 -70.39
CA UNK P 307 26.50 12.64 -72.66
CA UNK P 308 23.91 11.81 -75.26
CA UNK P 309 21.07 11.41 -72.86
CA UNK P 310 21.75 14.81 -71.23
CA UNK P 311 21.63 16.64 -74.47
CA UNK P 312 18.13 17.99 -74.64
CA UNK Q 1 22.54 57.66 11.29
CA UNK Q 2 19.00 56.59 10.23
CA UNK Q 3 15.58 55.40 8.95
CA UNK Q 4 12.50 53.94 7.18
CA UNK Q 5 10.19 52.05 4.80
CA UNK Q 6 8.52 49.26 2.82
CA UNK Q 7 8.24 46.11 0.68
CA UNK Q 8 8.16 43.51 -2.11
CA UNK Q 9 5.89 42.17 -4.87
CA UNK Q 10 2.64 41.72 -6.83
CA UNK Q 11 0.32 39.99 -4.34
CA UNK Q 12 2.21 40.39 -1.05
CA UNK Q 13 2.45 43.12 1.59
CA UNK Q 14 5.45 44.67 3.40
CA UNK Q 15 7.09 46.04 6.55
CA UNK Q 16 10.32 47.92 7.31
CA UNK Q 17 13.00 49.67 9.38
CA UNK Q 18 16.30 51.13 8.14
CA UNK Q 19 19.07 51.27 10.76
CA UNK Q 20 22.27 53.23 10.06
CA UNK Q 21 24.93 55.79 9.13
CA UNK Q 22 25.41 53.43 6.18
CA UNK Q 23 23.90 50.07 7.17
CA UNK Q 24 23.61 48.32 10.53
CA UNK Q 25 20.05 47.42 11.58
CA UNK Q 26 17.33 45.51 9.72
CA UNK Q 27 13.75 45.21 11.00
CA UNK Q 28 10.09 44.26 10.53
CA UNK Q 29 9.59 44.72 14.29
CA UNK Q 30 12.49 42.39 15.10
CA UNK Q 31 15.50 41.07 13.15
CA UNK Q 32 17.37 39.87 10.06
CA UNK Q 33 20.57 39.13 8.11
CA UNK Q 34 20.75 38.78 4.32
CA UNK Q 35 22.33 38.87 0.85
CA UNK Q 36 25.42 41.12 1.00
CA UNK Q 37 27.59 44.23 0.65
CA UNK Q 38 24.42 45.49 -1.04
CA UNK Q 39 24.05 47.84 1.96
CA UNK Q 40 24.60 51.42 0.80
CA UNK Q 41 23.18 54.47 -1.01
CA UNK Q 42 14.67 73.39 12.30
CA UNK Q 43 15.13 71.21 9.16
CA UNK Q 44 14.35 69.75 5.70
CA UNK Q 45 14.34 67.06 2.96
CA UNK Q 46 13.47 65.18 -0.25
CA UNK Q 47 13.51 61.83 -2.06
CA UNK Q 48 15.45 58.87 -3.48
CA UNK Q 49 16.02 55.61 -1.58
CA UNK Q 50 16.40 51.89 -0.87
CA UNK Q 51 14.53 48.73 -1.89
CA UNK Q 52 10.24 58.26 -1.79
CA UNK Q 53 10.49 60.26 1.44
CA UNK Q 54 10.89 62.66 4.39
CA UNK Q 55 12.38 64.75 7.24
CA UNK Q 56 15.66 65.91 8.80
CA UNK Q 57 18.02 66.46 11.74
CA UNK Q 58 20.50 67.68 14.38
CA UNK Q 59 23.65 68.60 16.32
CA UNK Q 60 25.03 71.28 13.97
CA UNK Q 61 32.49 68.57 11.76
CA UNK Q 62 30.00 66.17 13.39
CA UNK Q 63 27.68 64.13 15.61
CA UNK Q 64 23.93 63.65 15.12
CA UNK Q 65 21.00 62.55 12.93
CA UNK Q 66 18.27 61.97 10.33
CA UNK Q 67 15.05 60.17 9.38
CA UNK Q 68 12.45 59.26 6.73
CA UNK Q 69 9.54 57.79 4.75
CA UNK Q 70 7.13 56.85 1.96
CA UNK Q 71 5.50 54.93 -0.91
CA UNK Q 72 4.28 53.49 -4.22
CA UNK Q 73 3.49 50.63 -6.63
CA UNK Q 74 2.85 48.82 -9.93
CA UNK Q 75 0.56 45.95 -10.96
CA UNK Q 76 -0.98 42.81 -12.48
CA UNK Q 77 25.22 60.24 10.11
CA UNK Q 78 26.16 59.08 6.57
CA UNK Q 79 25.80 57.71 3.01
CA UNK Q 80 26.95 57.04 -0.60
CA UNK Q 81 26.43 57.56 -4.34
CA UNK Q 82 24.90 61.02 -3.96
CA UNK Q 83 22.78 61.44 -7.12
CA UNK Q 84 19.77 63.56 -8.06
CA UNK Q 85 18.57 66.15 -5.53
CA UNK Q 86 17.58 67.81 -2.24
CA UNK Q 87 16.98 70.04 0.79
CA UNK Q 88 16.72 72.24 3.90
CA UNK Q 89 16.29 74.99 6.50
CA UNK Q 90 15.44 77.03 9.62
CA UNK Q 91 17.36 77.52 12.87
CA UNK Q 92 20.91 77.96 11.54
CA UNK Q 93 24.71 78.26 11.40
CA UNK Q 94 28.15 77.34 10.01
CA UNK Q 95 30.74 74.68 9.16
CA UNK Q 96 34.05 72.82 9.51
CA UNK Q 97 35.77 70.35 7.16
CA UNK Q 98 35.41 68.93 3.64
CA UNK Q 99 14.16 81.09 7.57
CA UNK Q 100 15.08 80.12 3.96
CA UNK Q 101 17.19 77.58 2.00
CA UNK Q 102 19.00 74.93 -0.11
CA UNK Q 103 20.62 72.03 -1.97
CA UNK Q 104 22.89 69.61 -3.86
CA UNK Q 105 26.06 67.81 -2.74
CA UNK Q 106 28.50 65.08 -1.68
CA UNK Q 107 26.86 61.78 -0.66
CA UNK Q 108 29.84 68.19 2.55
CA UNK Q 109 29.35 71.47 0.65
CA UNK Q 110 28.47 74.40 -1.62
CA UNK Q 111 26.80 77.80 -2.02
CA UNK Q 112 23.68 79.63 -3.22
CA UNK Q 113 24.27 81.98 -0.27
CA UNK Q 114 24.01 82.52 3.50
CA UNK Q 115 27.28 82.05 5.40
CA UNK R 1 17.56 64.47 -54.62
CA UNK R 2 16.00 63.31 -57.91
CA UNK R 3 16.80 60.46 -60.31
CA UNK R 4 18.79 57.47 -61.60
CA UNK R 5 21.50 54.66 -61.65
CA UNK R 6 22.21 51.04 -62.13
CA UNK R 7 25.53 50.19 -60.36
CA UNK R 8 26.73 47.12 -62.01
CA UNK R 9 26.94 43.38 -61.39
CA UNK R 10 30.49 43.66 -60.05
CA UNK R 11 29.64 47.06 -57.78
CA UNK R 12 27.40 45.19 -55.69
CA UNK R 13 29.90 42.50 -54.69
CA UNK R 14 32.39 45.25 -53.76
CA UNK R 15 29.82 46.97 -52.00
CA UNK R 16 28.92 43.84 -49.80
CA UNK R 17 32.53 43.27 -48.70
CA UNK R 18 32.77 46.93 -47.44
CA UNK R 19 29.52 46.38 -45.59
CA UNK R 20 30.82 43.18 -44.11
CA UNK R 21 34.07 44.73 -42.94
CA UNK R 22 32.74 48.09 -41.77
CA UNK R 23 29.20 46.61 -41.98
CA UNK R 24 28.12 43.59 -39.98
CA UNK R 25 27.52 45.43 -36.73
CA UNK R 26 24.69 47.20 -38.47
CA UNK R 27 23.29 48.98 -35.33
CA UNK R 28 24.99 49.89 -32.03
CA UNK R 29 21.73 51.57 -31.01
CA UNK R 30 18.21 51.30 -32.39
CA UNK R 31 18.49 52.93 -35.81
CA UNK R 32 18.43 51.75 -39.30
CA UNK R 33 16.57 51.08 -42.43
CA UNK R 34 14.24 53.14 -44.88
CA UNK R 35 14.09 56.54 -43.16
CA UNK R 36 16.17 58.09 -45.94
CA UNK R 37 18.23 56.93 -48.85
CA UNK R 38 20.09 58.00 -51.99
CA UNK R 39 23.26 58.37 -54.02
CA UNK R 40 23.69 62.02 -53.27
CA UNK R 41 22.59 61.66 -49.66
CA UNK R 42 24.74 58.62 -49.03
CA UNK R 43 27.74 60.27 -50.59
CA UNK R 44 27.69 63.16 -48.33
CA UNK R 45 26.36 61.38 -45.30
CA UNK R 46 28.82 58.56 -45.86
CA UNK R 47 31.84 60.53 -44.79
CA UNK R 48 30.19 63.29 -42.78
CA UNK R 49 28.06 61.50 -40.04
CA UNK R 50 25.34 63.24 -38.02
CA UNK R 51 22.40 62.76 -35.67
CA UNK R 52 18.98 62.71 -37.01
CA UNK R 53 19.19 66.42 -36.17
CA UNK R 54 22.63 67.92 -35.65
CA UNK R 55 25.36 66.86 -33.63
CA UNK R 56 28.67 66.45 -35.51
CA UNK R 57 28.78 62.99 -37.12
CA UNK R 58 32.04 62.22 -35.39
CA UNK R 59 32.59 58.55 -34.71
CA UNK R 60 32.61 57.52 -38.44
CA UNK R 61 34.79 58.59 -41.03
CA UNK R 62 37.67 61.04 -41.18
CA UNK R 63 40.23 61.46 -38.35
CA UNK R 64 42.18 58.82 -39.27
CA UNK R 65 40.26 56.10 -37.33
CA UNK R 66 42.34 53.20 -38.48
CA UNK R 67 40.09 52.03 -41.58
CA UNK R 68 40.65 54.91 -43.98
CA UNK R 69 42.25 53.74 -47.27
CA UNK R 70 39.88 55.18 -50.22
CA UNK R 71 36.84 53.29 -51.52
CA UNK R 72 34.59 54.04 -54.50
CA UNK R 73 33.11 51.45 -52.44
CA UNK R 74 31.33 54.00 -50.24
CA UNK R 75 29.55 54.67 -53.53
CA UNK R 76 29.79 51.02 -54.35
CA UNK R 77 28.64 50.06 -50.87
CA UNK R 78 25.71 52.43 -50.98
CA UNK R 79 24.51 50.96 -54.27
CA UNK R 80 24.73 47.44 -52.84
CA UNK R 81 23.03 48.59 -49.68
CA UNK R 82 20.03 50.09 -51.57
CA UNK R 83 19.63 46.83 -53.48
CA UNK R 84 20.00 44.50 -50.50
CA UNK R 85 18.28 46.59 -47.89
CA UNK R 86 15.01 47.05 -49.84
CA UNK R 87 14.89 43.41 -51.15
#